data_1BL1
# 
_entry.id   1BL1 
# 
_audit_conform.dict_name       mmcif_pdbx.dic 
_audit_conform.dict_version    5.392 
_audit_conform.dict_location   http://mmcif.pdb.org/dictionaries/ascii/mmcif_pdbx.dic 
# 
loop_
_database_2.database_id 
_database_2.database_code 
_database_2.pdbx_database_accession 
_database_2.pdbx_DOI 
PDB   1BL1         pdb_00001bl1 10.2210/pdb1bl1/pdb 
WWPDB D_1000171877 ?            ?                   
# 
loop_
_pdbx_audit_revision_history.ordinal 
_pdbx_audit_revision_history.data_content_type 
_pdbx_audit_revision_history.major_revision 
_pdbx_audit_revision_history.minor_revision 
_pdbx_audit_revision_history.revision_date 
1 'Structure model' 1 0 1999-03-30 
2 'Structure model' 1 1 2008-03-24 
3 'Structure model' 1 2 2011-07-13 
4 'Structure model' 1 3 2022-02-16 
5 'Structure model' 1 4 2024-05-22 
# 
_pdbx_audit_revision_details.ordinal             1 
_pdbx_audit_revision_details.revision_ordinal    1 
_pdbx_audit_revision_details.data_content_type   'Structure model' 
_pdbx_audit_revision_details.provider            repository 
_pdbx_audit_revision_details.type                'Initial release' 
_pdbx_audit_revision_details.description         ? 
_pdbx_audit_revision_details.details             ? 
# 
loop_
_pdbx_audit_revision_group.ordinal 
_pdbx_audit_revision_group.revision_ordinal 
_pdbx_audit_revision_group.data_content_type 
_pdbx_audit_revision_group.group 
1 2 'Structure model' 'Version format compliance' 
2 3 'Structure model' 'Version format compliance' 
3 4 'Structure model' 'Database references'       
4 4 'Structure model' 'Derived calculations'      
5 4 'Structure model' Other                       
6 5 'Structure model' 'Data collection'           
# 
loop_
_pdbx_audit_revision_category.ordinal 
_pdbx_audit_revision_category.revision_ordinal 
_pdbx_audit_revision_category.data_content_type 
_pdbx_audit_revision_category.category 
1 4 'Structure model' database_2            
2 4 'Structure model' pdbx_database_status  
3 4 'Structure model' pdbx_struct_assembly  
4 4 'Structure model' pdbx_struct_oper_list 
5 4 'Structure model' struct_ref_seq_dif    
6 5 'Structure model' chem_comp_atom        
7 5 'Structure model' chem_comp_bond        
# 
loop_
_pdbx_audit_revision_item.ordinal 
_pdbx_audit_revision_item.revision_ordinal 
_pdbx_audit_revision_item.data_content_type 
_pdbx_audit_revision_item.item 
1 4 'Structure model' '_database_2.pdbx_DOI'                
2 4 'Structure model' '_database_2.pdbx_database_accession' 
3 4 'Structure model' '_pdbx_database_status.process_site'  
4 4 'Structure model' '_struct_ref_seq_dif.details'         
# 
_pdbx_database_status.status_code                     REL 
_pdbx_database_status.entry_id                        1BL1 
_pdbx_database_status.recvd_initial_deposition_date   1998-07-22 
_pdbx_database_status.deposit_site                    ? 
_pdbx_database_status.process_site                    BNL 
_pdbx_database_status.SG_entry                        . 
_pdbx_database_status.pdb_format_compatible           Y 
_pdbx_database_status.status_code_mr                  ? 
_pdbx_database_status.status_code_sf                  ? 
_pdbx_database_status.status_code_cs                  ? 
_pdbx_database_status.status_code_nmr_data            ? 
_pdbx_database_status.methods_development_category    ? 
# 
loop_
_audit_author.name 
_audit_author.pdbx_ordinal 
'Pellegrini, M.' 1 
'Bisello, A.'    2 
'Rosenblatt, M.' 3 
'Chorev, M.'     4 
'Mierke, D.F.'   5 
# 
_citation.id                        primary 
_citation.title                     'Binding domain of human parathyroid hormone receptor: from conformation to function.' 
_citation.journal_abbrev            Biochemistry 
_citation.journal_volume            37 
_citation.page_first                12737 
_citation.page_last                 12743 
_citation.year                      1998 
_citation.journal_id_ASTM           BICHAW 
_citation.country                   US 
_citation.journal_id_ISSN           0006-2960 
_citation.journal_id_CSD            0033 
_citation.book_publisher            ? 
_citation.pdbx_database_id_PubMed   9737850 
_citation.pdbx_database_id_DOI      10.1021/bi981265h 
# 
loop_
_citation_author.citation_id 
_citation_author.name 
_citation_author.ordinal 
_citation_author.identifier_ORCID 
primary 'Pellegrini, M.' 1 ? 
primary 'Bisello, A.'    2 ? 
primary 'Rosenblatt, M.' 3 ? 
primary 'Chorev, M.'     4 ? 
primary 'Mierke, D.F.'   5 ? 
# 
_entity.id                         1 
_entity.type                       polymer 
_entity.src_method                 man 
_entity.pdbx_description           'PARATHYROID HORMONE RECEPTOR' 
_entity.formula_weight             3618.101 
_entity.pdbx_number_of_molecules   1 
_entity.pdbx_ec                    ? 
_entity.pdbx_mutation              ? 
_entity.pdbx_fragment              'BINDING DOMAIN' 
_entity.details                    ? 
# 
_entity_poly.entity_id                      1 
_entity_poly.type                           'polypeptide(L)' 
_entity_poly.nstd_linkage                   no 
_entity_poly.nstd_monomer                   no 
_entity_poly.pdbx_seq_one_letter_code       SEAVKFLTNETREREVFDRLGMIYTVGYSVC 
_entity_poly.pdbx_seq_one_letter_code_can   SEAVKFLTNETREREVFDRLGMIYTVGYSVC 
_entity_poly.pdbx_strand_id                 A 
_entity_poly.pdbx_target_identifier         ? 
# 
loop_
_entity_poly_seq.entity_id 
_entity_poly_seq.num 
_entity_poly_seq.mon_id 
_entity_poly_seq.hetero 
1 1  SER n 
1 2  GLU n 
1 3  ALA n 
1 4  VAL n 
1 5  LYS n 
1 6  PHE n 
1 7  LEU n 
1 8  THR n 
1 9  ASN n 
1 10 GLU n 
1 11 THR n 
1 12 ARG n 
1 13 GLU n 
1 14 ARG n 
1 15 GLU n 
1 16 VAL n 
1 17 PHE n 
1 18 ASP n 
1 19 ARG n 
1 20 LEU n 
1 21 GLY n 
1 22 MET n 
1 23 ILE n 
1 24 TYR n 
1 25 THR n 
1 26 VAL n 
1 27 GLY n 
1 28 TYR n 
1 29 SER n 
1 30 VAL n 
1 31 CYS n 
# 
_entity_src_gen.entity_id                          1 
_entity_src_gen.pdbx_src_id                        1 
_entity_src_gen.pdbx_alt_source_flag               sample 
_entity_src_gen.pdbx_seq_type                      ? 
_entity_src_gen.pdbx_beg_seq_num                   ? 
_entity_src_gen.pdbx_end_seq_num                   ? 
_entity_src_gen.gene_src_common_name               human 
_entity_src_gen.gene_src_genus                     Homo 
_entity_src_gen.pdbx_gene_src_gene                 ? 
_entity_src_gen.gene_src_species                   ? 
_entity_src_gen.gene_src_strain                    ? 
_entity_src_gen.gene_src_tissue                    ? 
_entity_src_gen.gene_src_tissue_fraction           ? 
_entity_src_gen.gene_src_details                   ? 
_entity_src_gen.pdbx_gene_src_fragment             ? 
_entity_src_gen.pdbx_gene_src_scientific_name      'Homo sapiens' 
_entity_src_gen.pdbx_gene_src_ncbi_taxonomy_id     9606 
_entity_src_gen.pdbx_gene_src_variant              ? 
_entity_src_gen.pdbx_gene_src_cell_line            ? 
_entity_src_gen.pdbx_gene_src_atcc                 ? 
_entity_src_gen.pdbx_gene_src_organ                ? 
_entity_src_gen.pdbx_gene_src_organelle            ? 
_entity_src_gen.pdbx_gene_src_cell                 ? 
_entity_src_gen.pdbx_gene_src_cellular_location    ? 
_entity_src_gen.host_org_common_name               ? 
_entity_src_gen.pdbx_host_org_scientific_name      ? 
_entity_src_gen.pdbx_host_org_ncbi_taxonomy_id     ? 
_entity_src_gen.host_org_genus                     ? 
_entity_src_gen.pdbx_host_org_gene                 ? 
_entity_src_gen.pdbx_host_org_organ                ? 
_entity_src_gen.host_org_species                   ? 
_entity_src_gen.pdbx_host_org_tissue               ? 
_entity_src_gen.pdbx_host_org_tissue_fraction      ? 
_entity_src_gen.pdbx_host_org_strain               ? 
_entity_src_gen.pdbx_host_org_variant              ? 
_entity_src_gen.pdbx_host_org_cell_line            ? 
_entity_src_gen.pdbx_host_org_atcc                 ? 
_entity_src_gen.pdbx_host_org_culture_collection   ? 
_entity_src_gen.pdbx_host_org_cell                 ? 
_entity_src_gen.pdbx_host_org_organelle            ? 
_entity_src_gen.pdbx_host_org_cellular_location    ? 
_entity_src_gen.pdbx_host_org_vector_type          ? 
_entity_src_gen.pdbx_host_org_vector               ? 
_entity_src_gen.host_org_details                   ? 
_entity_src_gen.expression_system_id               ? 
_entity_src_gen.plasmid_name                       ? 
_entity_src_gen.plasmid_details                    ? 
_entity_src_gen.pdbx_description                   ? 
# 
loop_
_chem_comp.id 
_chem_comp.type 
_chem_comp.mon_nstd_flag 
_chem_comp.name 
_chem_comp.pdbx_synonyms 
_chem_comp.formula 
_chem_comp.formula_weight 
ALA 'L-peptide linking' y ALANINE         ? 'C3 H7 N O2'     89.093  
ARG 'L-peptide linking' y ARGININE        ? 'C6 H15 N4 O2 1' 175.209 
ASN 'L-peptide linking' y ASPARAGINE      ? 'C4 H8 N2 O3'    132.118 
ASP 'L-peptide linking' y 'ASPARTIC ACID' ? 'C4 H7 N O4'     133.103 
CYS 'L-peptide linking' y CYSTEINE        ? 'C3 H7 N O2 S'   121.158 
GLU 'L-peptide linking' y 'GLUTAMIC ACID' ? 'C5 H9 N O4'     147.129 
GLY 'peptide linking'   y GLYCINE         ? 'C2 H5 N O2'     75.067  
ILE 'L-peptide linking' y ISOLEUCINE      ? 'C6 H13 N O2'    131.173 
LEU 'L-peptide linking' y LEUCINE         ? 'C6 H13 N O2'    131.173 
LYS 'L-peptide linking' y LYSINE          ? 'C6 H15 N2 O2 1' 147.195 
MET 'L-peptide linking' y METHIONINE      ? 'C5 H11 N O2 S'  149.211 
PHE 'L-peptide linking' y PHENYLALANINE   ? 'C9 H11 N O2'    165.189 
SER 'L-peptide linking' y SERINE          ? 'C3 H7 N O3'     105.093 
THR 'L-peptide linking' y THREONINE       ? 'C4 H9 N O3'     119.119 
TYR 'L-peptide linking' y TYROSINE        ? 'C9 H11 N O3'    181.189 
VAL 'L-peptide linking' y VALINE          ? 'C5 H11 N O2'    117.146 
# 
loop_
_pdbx_poly_seq_scheme.asym_id 
_pdbx_poly_seq_scheme.entity_id 
_pdbx_poly_seq_scheme.seq_id 
_pdbx_poly_seq_scheme.mon_id 
_pdbx_poly_seq_scheme.ndb_seq_num 
_pdbx_poly_seq_scheme.pdb_seq_num 
_pdbx_poly_seq_scheme.auth_seq_num 
_pdbx_poly_seq_scheme.pdb_mon_id 
_pdbx_poly_seq_scheme.auth_mon_id 
_pdbx_poly_seq_scheme.pdb_strand_id 
_pdbx_poly_seq_scheme.pdb_ins_code 
_pdbx_poly_seq_scheme.hetero 
A 1 1  SER 1  1  1  SER SER A . n 
A 1 2  GLU 2  2  2  GLU GLU A . n 
A 1 3  ALA 3  3  3  ALA ALA A . n 
A 1 4  VAL 4  4  4  VAL VAL A . n 
A 1 5  LYS 5  5  5  LYS LYS A . n 
A 1 6  PHE 6  6  6  PHE PHE A . n 
A 1 7  LEU 7  7  7  LEU LEU A . n 
A 1 8  THR 8  8  8  THR THR A . n 
A 1 9  ASN 9  9  9  ASN ASN A . n 
A 1 10 GLU 10 10 10 GLU GLU A . n 
A 1 11 THR 11 11 11 THR THR A . n 
A 1 12 ARG 12 12 12 ARG ARG A . n 
A 1 13 GLU 13 13 13 GLU GLU A . n 
A 1 14 ARG 14 14 14 ARG ARG A . n 
A 1 15 GLU 15 15 15 GLU GLU A . n 
A 1 16 VAL 16 16 16 VAL VAL A . n 
A 1 17 PHE 17 17 17 PHE PHE A . n 
A 1 18 ASP 18 18 18 ASP ASP A . n 
A 1 19 ARG 19 19 19 ARG ARG A . n 
A 1 20 LEU 20 20 20 LEU LEU A . n 
A 1 21 GLY 21 21 21 GLY GLY A . n 
A 1 22 MET 22 22 22 MET MET A . n 
A 1 23 ILE 23 23 23 ILE ILE A . n 
A 1 24 TYR 24 24 24 TYR TYR A . n 
A 1 25 THR 25 25 25 THR THR A . n 
A 1 26 VAL 26 26 26 VAL VAL A . n 
A 1 27 GLY 27 27 27 GLY GLY A . n 
A 1 28 TYR 28 28 28 TYR TYR A . n 
A 1 29 SER 29 29 29 SER SER A . n 
A 1 30 VAL 30 30 30 VAL VAL A . n 
A 1 31 CYS 31 31 31 CYS CYS A . n 
# 
_cell.entry_id           1BL1 
_cell.length_a           1.000 
_cell.length_b           1.000 
_cell.length_c           1.000 
_cell.angle_alpha        90.00 
_cell.angle_beta         90.00 
_cell.angle_gamma        90.00 
_cell.Z_PDB              1 
_cell.pdbx_unique_axis   ? 
# 
_symmetry.entry_id                         1BL1 
_symmetry.space_group_name_H-M             'P 1' 
_symmetry.pdbx_full_space_group_name_H-M   ? 
_symmetry.cell_setting                     ? 
_symmetry.Int_Tables_number                1 
# 
_exptl.entry_id          1BL1 
_exptl.method            'SOLUTION NMR' 
_exptl.crystals_number   ? 
# 
_struct.entry_id                  1BL1 
_struct.title                     'PTH RECEPTOR N-TERMINUS FRAGMENT, NMR, 1 STRUCTURE' 
_struct.pdbx_model_details        ? 
_struct.pdbx_CASP_flag            ? 
_struct.pdbx_model_type_details   ? 
# 
_struct_keywords.entry_id        1BL1 
_struct_keywords.pdbx_keywords   'HORMONE RECEPTOR' 
_struct_keywords.text            'HORMONE RECEPTOR, PARATHYROID HORMONE, MICELLE STRUCTURES, CALCIOTROPIC HORMONES, NMR STRUCTURES' 
# 
_struct_asym.id                            A 
_struct_asym.pdbx_blank_PDB_chainid_flag   Y 
_struct_asym.pdbx_modified                 N 
_struct_asym.entity_id                     1 
_struct_asym.details                       ? 
# 
_struct_ref.id                         1 
_struct_ref.db_name                    UNP 
_struct_ref.db_code                    PTHR1_HUMAN 
_struct_ref.entity_id                  1 
_struct_ref.pdbx_db_accession          Q03431 
_struct_ref.pdbx_align_begin           1 
_struct_ref.pdbx_seq_one_letter_code   
;MGAARIAPGLALLLCCPVLSSAYALVDADDVMTKEEQIFLLHRAQAQCEKRLKEVLQRPADIMESDKGWASAPTSGKPRK
EKASGKLYPESGEDTGSRHQGRPCLPEWDHILCWPLGAPGEVVAMPCPDYIYDFNHKGHAYRRCDRNGSWELVPGHNRTW
ANYSECVKFLTNETREREVFDRLGMIYTVGYSVSLASLTVAVLILAYFRRLHCTRNYIHMHLFLSFMLRAVSIFVKDAVL
YSGATLDEAERLTEEELRAIAQAPLPPVAATSYVGCRVAVTFFLYFLATNYYWILVEGLYLHSLIFMAFFSEKKYLWGFT
VFGWGLPAIFVAVWVSVRATLANTGCWDLSSGNKKWIIQVPILASIVLNFILFINIVRVLATKLRETNAGRCDTRQQYRK
LLKSTLVLMPLFGVHYIVFMATPYTEVSGTLWQVQMHYEMLFNSFQGFFVAIIYCFCNGEVQAEIKKSWSRWTLALDFKR
KARSGSSSYSYGPMVSHTSVTNVGPRTGLGLPLSPRLLPAATTNGHPQLPCHTKPETPALQTTPPVVAAPKDDGFLNGSC
SGLDEEASAPERPSVLLQEEWETVM
;
_struct_ref.pdbx_db_isoform            ? 
# 
_struct_ref_seq.align_id                      1 
_struct_ref_seq.ref_id                        1 
_struct_ref_seq.pdbx_PDB_id_code              1BL1 
_struct_ref_seq.pdbx_strand_id                A 
_struct_ref_seq.seq_align_beg                 1 
_struct_ref_seq.pdbx_seq_align_beg_ins_code   ? 
_struct_ref_seq.seq_align_end                 30 
_struct_ref_seq.pdbx_seq_align_end_ins_code   ? 
_struct_ref_seq.pdbx_db_accession             Q03431 
_struct_ref_seq.db_align_beg                  164 
_struct_ref_seq.pdbx_db_align_beg_ins_code    ? 
_struct_ref_seq.db_align_end                  193 
_struct_ref_seq.pdbx_db_align_end_ins_code    ? 
_struct_ref_seq.pdbx_auth_seq_align_beg       1 
_struct_ref_seq.pdbx_auth_seq_align_end       30 
# 
_struct_ref_seq_dif.align_id                     1 
_struct_ref_seq_dif.pdbx_pdb_id_code             1BL1 
_struct_ref_seq_dif.mon_id                       ALA 
_struct_ref_seq_dif.pdbx_pdb_strand_id           A 
_struct_ref_seq_dif.seq_num                      3 
_struct_ref_seq_dif.pdbx_pdb_ins_code            ? 
_struct_ref_seq_dif.pdbx_seq_db_name             UNP 
_struct_ref_seq_dif.pdbx_seq_db_accession_code   Q03431 
_struct_ref_seq_dif.db_mon_id                    CYS 
_struct_ref_seq_dif.pdbx_seq_db_seq_num          166 
_struct_ref_seq_dif.details                      conflict 
_struct_ref_seq_dif.pdbx_auth_seq_num            3 
_struct_ref_seq_dif.pdbx_ordinal                 1 
# 
_pdbx_struct_assembly.id                   1 
_pdbx_struct_assembly.details              author_defined_assembly 
_pdbx_struct_assembly.method_details       ? 
_pdbx_struct_assembly.oligomeric_details   monomeric 
_pdbx_struct_assembly.oligomeric_count     1 
# 
_pdbx_struct_assembly_gen.assembly_id       1 
_pdbx_struct_assembly_gen.oper_expression   1 
_pdbx_struct_assembly_gen.asym_id_list      A 
# 
_pdbx_struct_oper_list.id                   1 
_pdbx_struct_oper_list.type                 'identity operation' 
_pdbx_struct_oper_list.name                 1_555 
_pdbx_struct_oper_list.symmetry_operation   x,y,z 
_pdbx_struct_oper_list.matrix[1][1]         1.0000000000 
_pdbx_struct_oper_list.matrix[1][2]         0.0000000000 
_pdbx_struct_oper_list.matrix[1][3]         0.0000000000 
_pdbx_struct_oper_list.vector[1]            0.0000000000 
_pdbx_struct_oper_list.matrix[2][1]         0.0000000000 
_pdbx_struct_oper_list.matrix[2][2]         1.0000000000 
_pdbx_struct_oper_list.matrix[2][3]         0.0000000000 
_pdbx_struct_oper_list.vector[2]            0.0000000000 
_pdbx_struct_oper_list.matrix[3][1]         0.0000000000 
_pdbx_struct_oper_list.matrix[3][2]         0.0000000000 
_pdbx_struct_oper_list.matrix[3][3]         1.0000000000 
_pdbx_struct_oper_list.vector[3]            0.0000000000 
# 
_struct_biol.id   1 
# 
loop_
_struct_conf.conf_type_id 
_struct_conf.id 
_struct_conf.pdbx_PDB_helix_id 
_struct_conf.beg_label_comp_id 
_struct_conf.beg_label_asym_id 
_struct_conf.beg_label_seq_id 
_struct_conf.pdbx_beg_PDB_ins_code 
_struct_conf.end_label_comp_id 
_struct_conf.end_label_asym_id 
_struct_conf.end_label_seq_id 
_struct_conf.pdbx_end_PDB_ins_code 
_struct_conf.beg_auth_comp_id 
_struct_conf.beg_auth_asym_id 
_struct_conf.beg_auth_seq_id 
_struct_conf.end_auth_comp_id 
_struct_conf.end_auth_asym_id 
_struct_conf.end_auth_seq_id 
_struct_conf.pdbx_PDB_helix_class 
_struct_conf.details 
_struct_conf.pdbx_PDB_helix_length 
HELX_P HELX_P1 1 GLU A 2  ? ASN A 9  ? GLU A 2  ASN A 9  1 ? 8 
HELX_P HELX_P2 2 GLU A 13 ? ASP A 18 ? GLU A 13 ASP A 18 1 ? 6 
HELX_P HELX_P3 3 GLY A 21 ? SER A 29 ? GLY A 21 SER A 29 1 ? 9 
# 
_struct_conf_type.id          HELX_P 
_struct_conf_type.criteria    ? 
_struct_conf_type.reference   ? 
# 
loop_
_pdbx_validate_rmsd_angle.id 
_pdbx_validate_rmsd_angle.PDB_model_num 
_pdbx_validate_rmsd_angle.auth_atom_id_1 
_pdbx_validate_rmsd_angle.auth_asym_id_1 
_pdbx_validate_rmsd_angle.auth_comp_id_1 
_pdbx_validate_rmsd_angle.auth_seq_id_1 
_pdbx_validate_rmsd_angle.PDB_ins_code_1 
_pdbx_validate_rmsd_angle.label_alt_id_1 
_pdbx_validate_rmsd_angle.auth_atom_id_2 
_pdbx_validate_rmsd_angle.auth_asym_id_2 
_pdbx_validate_rmsd_angle.auth_comp_id_2 
_pdbx_validate_rmsd_angle.auth_seq_id_2 
_pdbx_validate_rmsd_angle.PDB_ins_code_2 
_pdbx_validate_rmsd_angle.label_alt_id_2 
_pdbx_validate_rmsd_angle.auth_atom_id_3 
_pdbx_validate_rmsd_angle.auth_asym_id_3 
_pdbx_validate_rmsd_angle.auth_comp_id_3 
_pdbx_validate_rmsd_angle.auth_seq_id_3 
_pdbx_validate_rmsd_angle.PDB_ins_code_3 
_pdbx_validate_rmsd_angle.label_alt_id_3 
_pdbx_validate_rmsd_angle.angle_value 
_pdbx_validate_rmsd_angle.angle_target_value 
_pdbx_validate_rmsd_angle.angle_deviation 
_pdbx_validate_rmsd_angle.angle_standard_deviation 
_pdbx_validate_rmsd_angle.linker_flag 
1 1 NE A ARG 12 ? ? CZ A ARG 12 ? ? NH1 A ARG 12 ? ? 124.05 120.30 3.75 0.50 N 
2 1 NE A ARG 14 ? ? CZ A ARG 14 ? ? NH1 A ARG 14 ? ? 123.99 120.30 3.69 0.50 N 
3 1 NE A ARG 19 ? ? CZ A ARG 19 ? ? NH1 A ARG 19 ? ? 124.02 120.30 3.72 0.50 N 
# 
_pdbx_validate_torsion.id              1 
_pdbx_validate_torsion.PDB_model_num   1 
_pdbx_validate_torsion.auth_comp_id    ILE 
_pdbx_validate_torsion.auth_asym_id    A 
_pdbx_validate_torsion.auth_seq_id     23 
_pdbx_validate_torsion.PDB_ins_code    ? 
_pdbx_validate_torsion.label_alt_id    ? 
_pdbx_validate_torsion.phi             -166.47 
_pdbx_validate_torsion.psi             -60.38 
# 
_pdbx_nmr_ensemble.entry_id                             1BL1 
_pdbx_nmr_ensemble.conformers_calculated_total_number   100 
_pdbx_nmr_ensemble.conformers_submitted_total_number    1 
_pdbx_nmr_ensemble.conformer_selection_criteria         'LEAST PENALTY VIOLATION' 
# 
_pdbx_nmr_sample_details.solution_id   1 
_pdbx_nmr_sample_details.contents      '90% H2O/10% D2O' 
# 
_pdbx_nmr_exptl_sample_conditions.conditions_id       1 
_pdbx_nmr_exptl_sample_conditions.temperature         298 
_pdbx_nmr_exptl_sample_conditions.pressure            ? 
_pdbx_nmr_exptl_sample_conditions.pH                  4.5 
_pdbx_nmr_exptl_sample_conditions.ionic_strength      '150 mM DPC' 
_pdbx_nmr_exptl_sample_conditions.pressure_units      . 
_pdbx_nmr_exptl_sample_conditions.temperature_units   K 
# 
loop_
_pdbx_nmr_exptl.experiment_id 
_pdbx_nmr_exptl.conditions_id 
_pdbx_nmr_exptl.type 
_pdbx_nmr_exptl.solution_id 
1 1 NOESY 1 
2 1 TOCSY 1 
3 1 COSY  1 
# 
_pdbx_nmr_details.entry_id   1BL1 
_pdbx_nmr_details.text       'LOWEST ENERGY STRUCTURE.' 
# 
_pdbx_nmr_refine.entry_id           1BL1 
_pdbx_nmr_refine.method             'distance geometry' 
_pdbx_nmr_refine.details            
'STRUCTURES CALCULATED FROM METRIC MATRIX DG WERE FURTHER REFINED WITH GROMACS USING A TWO-PHASE BOX OF DECANE AND H2O' 
_pdbx_nmr_refine.software_ordinal   1 
# 
loop_
_pdbx_nmr_software.classification 
_pdbx_nmr_software.name 
_pdbx_nmr_software.version 
_pdbx_nmr_software.authors 
_pdbx_nmr_software.ordinal 
refinement           GROMACS ? BERENDSEN 1 
'structure solution' GROMACS ? ?         2 
# 
loop_
_chem_comp_atom.comp_id 
_chem_comp_atom.atom_id 
_chem_comp_atom.type_symbol 
_chem_comp_atom.pdbx_aromatic_flag 
_chem_comp_atom.pdbx_stereo_config 
_chem_comp_atom.pdbx_ordinal 
ALA N    N N N 1   
ALA CA   C N S 2   
ALA C    C N N 3   
ALA O    O N N 4   
ALA CB   C N N 5   
ALA OXT  O N N 6   
ALA H    H N N 7   
ALA H2   H N N 8   
ALA HA   H N N 9   
ALA HB1  H N N 10  
ALA HB2  H N N 11  
ALA HB3  H N N 12  
ALA HXT  H N N 13  
ARG N    N N N 14  
ARG CA   C N S 15  
ARG C    C N N 16  
ARG O    O N N 17  
ARG CB   C N N 18  
ARG CG   C N N 19  
ARG CD   C N N 20  
ARG NE   N N N 21  
ARG CZ   C N N 22  
ARG NH1  N N N 23  
ARG NH2  N N N 24  
ARG OXT  O N N 25  
ARG H    H N N 26  
ARG H2   H N N 27  
ARG HA   H N N 28  
ARG HB2  H N N 29  
ARG HB3  H N N 30  
ARG HG2  H N N 31  
ARG HG3  H N N 32  
ARG HD2  H N N 33  
ARG HD3  H N N 34  
ARG HE   H N N 35  
ARG HH11 H N N 36  
ARG HH12 H N N 37  
ARG HH21 H N N 38  
ARG HH22 H N N 39  
ARG HXT  H N N 40  
ASN N    N N N 41  
ASN CA   C N S 42  
ASN C    C N N 43  
ASN O    O N N 44  
ASN CB   C N N 45  
ASN CG   C N N 46  
ASN OD1  O N N 47  
ASN ND2  N N N 48  
ASN OXT  O N N 49  
ASN H    H N N 50  
ASN H2   H N N 51  
ASN HA   H N N 52  
ASN HB2  H N N 53  
ASN HB3  H N N 54  
ASN HD21 H N N 55  
ASN HD22 H N N 56  
ASN HXT  H N N 57  
ASP N    N N N 58  
ASP CA   C N S 59  
ASP C    C N N 60  
ASP O    O N N 61  
ASP CB   C N N 62  
ASP CG   C N N 63  
ASP OD1  O N N 64  
ASP OD2  O N N 65  
ASP OXT  O N N 66  
ASP H    H N N 67  
ASP H2   H N N 68  
ASP HA   H N N 69  
ASP HB2  H N N 70  
ASP HB3  H N N 71  
ASP HD2  H N N 72  
ASP HXT  H N N 73  
CYS N    N N N 74  
CYS CA   C N R 75  
CYS C    C N N 76  
CYS O    O N N 77  
CYS CB   C N N 78  
CYS SG   S N N 79  
CYS OXT  O N N 80  
CYS H    H N N 81  
CYS H2   H N N 82  
CYS HA   H N N 83  
CYS HB2  H N N 84  
CYS HB3  H N N 85  
CYS HG   H N N 86  
CYS HXT  H N N 87  
GLU N    N N N 88  
GLU CA   C N S 89  
GLU C    C N N 90  
GLU O    O N N 91  
GLU CB   C N N 92  
GLU CG   C N N 93  
GLU CD   C N N 94  
GLU OE1  O N N 95  
GLU OE2  O N N 96  
GLU OXT  O N N 97  
GLU H    H N N 98  
GLU H2   H N N 99  
GLU HA   H N N 100 
GLU HB2  H N N 101 
GLU HB3  H N N 102 
GLU HG2  H N N 103 
GLU HG3  H N N 104 
GLU HE2  H N N 105 
GLU HXT  H N N 106 
GLY N    N N N 107 
GLY CA   C N N 108 
GLY C    C N N 109 
GLY O    O N N 110 
GLY OXT  O N N 111 
GLY H    H N N 112 
GLY H2   H N N 113 
GLY HA2  H N N 114 
GLY HA3  H N N 115 
GLY HXT  H N N 116 
ILE N    N N N 117 
ILE CA   C N S 118 
ILE C    C N N 119 
ILE O    O N N 120 
ILE CB   C N S 121 
ILE CG1  C N N 122 
ILE CG2  C N N 123 
ILE CD1  C N N 124 
ILE OXT  O N N 125 
ILE H    H N N 126 
ILE H2   H N N 127 
ILE HA   H N N 128 
ILE HB   H N N 129 
ILE HG12 H N N 130 
ILE HG13 H N N 131 
ILE HG21 H N N 132 
ILE HG22 H N N 133 
ILE HG23 H N N 134 
ILE HD11 H N N 135 
ILE HD12 H N N 136 
ILE HD13 H N N 137 
ILE HXT  H N N 138 
LEU N    N N N 139 
LEU CA   C N S 140 
LEU C    C N N 141 
LEU O    O N N 142 
LEU CB   C N N 143 
LEU CG   C N N 144 
LEU CD1  C N N 145 
LEU CD2  C N N 146 
LEU OXT  O N N 147 
LEU H    H N N 148 
LEU H2   H N N 149 
LEU HA   H N N 150 
LEU HB2  H N N 151 
LEU HB3  H N N 152 
LEU HG   H N N 153 
LEU HD11 H N N 154 
LEU HD12 H N N 155 
LEU HD13 H N N 156 
LEU HD21 H N N 157 
LEU HD22 H N N 158 
LEU HD23 H N N 159 
LEU HXT  H N N 160 
LYS N    N N N 161 
LYS CA   C N S 162 
LYS C    C N N 163 
LYS O    O N N 164 
LYS CB   C N N 165 
LYS CG   C N N 166 
LYS CD   C N N 167 
LYS CE   C N N 168 
LYS NZ   N N N 169 
LYS OXT  O N N 170 
LYS H    H N N 171 
LYS H2   H N N 172 
LYS HA   H N N 173 
LYS HB2  H N N 174 
LYS HB3  H N N 175 
LYS HG2  H N N 176 
LYS HG3  H N N 177 
LYS HD2  H N N 178 
LYS HD3  H N N 179 
LYS HE2  H N N 180 
LYS HE3  H N N 181 
LYS HZ1  H N N 182 
LYS HZ2  H N N 183 
LYS HZ3  H N N 184 
LYS HXT  H N N 185 
MET N    N N N 186 
MET CA   C N S 187 
MET C    C N N 188 
MET O    O N N 189 
MET CB   C N N 190 
MET CG   C N N 191 
MET SD   S N N 192 
MET CE   C N N 193 
MET OXT  O N N 194 
MET H    H N N 195 
MET H2   H N N 196 
MET HA   H N N 197 
MET HB2  H N N 198 
MET HB3  H N N 199 
MET HG2  H N N 200 
MET HG3  H N N 201 
MET HE1  H N N 202 
MET HE2  H N N 203 
MET HE3  H N N 204 
MET HXT  H N N 205 
PHE N    N N N 206 
PHE CA   C N S 207 
PHE C    C N N 208 
PHE O    O N N 209 
PHE CB   C N N 210 
PHE CG   C Y N 211 
PHE CD1  C Y N 212 
PHE CD2  C Y N 213 
PHE CE1  C Y N 214 
PHE CE2  C Y N 215 
PHE CZ   C Y N 216 
PHE OXT  O N N 217 
PHE H    H N N 218 
PHE H2   H N N 219 
PHE HA   H N N 220 
PHE HB2  H N N 221 
PHE HB3  H N N 222 
PHE HD1  H N N 223 
PHE HD2  H N N 224 
PHE HE1  H N N 225 
PHE HE2  H N N 226 
PHE HZ   H N N 227 
PHE HXT  H N N 228 
SER N    N N N 229 
SER CA   C N S 230 
SER C    C N N 231 
SER O    O N N 232 
SER CB   C N N 233 
SER OG   O N N 234 
SER OXT  O N N 235 
SER H    H N N 236 
SER H2   H N N 237 
SER HA   H N N 238 
SER HB2  H N N 239 
SER HB3  H N N 240 
SER HG   H N N 241 
SER HXT  H N N 242 
THR N    N N N 243 
THR CA   C N S 244 
THR C    C N N 245 
THR O    O N N 246 
THR CB   C N R 247 
THR OG1  O N N 248 
THR CG2  C N N 249 
THR OXT  O N N 250 
THR H    H N N 251 
THR H2   H N N 252 
THR HA   H N N 253 
THR HB   H N N 254 
THR HG1  H N N 255 
THR HG21 H N N 256 
THR HG22 H N N 257 
THR HG23 H N N 258 
THR HXT  H N N 259 
TYR N    N N N 260 
TYR CA   C N S 261 
TYR C    C N N 262 
TYR O    O N N 263 
TYR CB   C N N 264 
TYR CG   C Y N 265 
TYR CD1  C Y N 266 
TYR CD2  C Y N 267 
TYR CE1  C Y N 268 
TYR CE2  C Y N 269 
TYR CZ   C Y N 270 
TYR OH   O N N 271 
TYR OXT  O N N 272 
TYR H    H N N 273 
TYR H2   H N N 274 
TYR HA   H N N 275 
TYR HB2  H N N 276 
TYR HB3  H N N 277 
TYR HD1  H N N 278 
TYR HD2  H N N 279 
TYR HE1  H N N 280 
TYR HE2  H N N 281 
TYR HH   H N N 282 
TYR HXT  H N N 283 
VAL N    N N N 284 
VAL CA   C N S 285 
VAL C    C N N 286 
VAL O    O N N 287 
VAL CB   C N N 288 
VAL CG1  C N N 289 
VAL CG2  C N N 290 
VAL OXT  O N N 291 
VAL H    H N N 292 
VAL H2   H N N 293 
VAL HA   H N N 294 
VAL HB   H N N 295 
VAL HG11 H N N 296 
VAL HG12 H N N 297 
VAL HG13 H N N 298 
VAL HG21 H N N 299 
VAL HG22 H N N 300 
VAL HG23 H N N 301 
VAL HXT  H N N 302 
# 
loop_
_chem_comp_bond.comp_id 
_chem_comp_bond.atom_id_1 
_chem_comp_bond.atom_id_2 
_chem_comp_bond.value_order 
_chem_comp_bond.pdbx_aromatic_flag 
_chem_comp_bond.pdbx_stereo_config 
_chem_comp_bond.pdbx_ordinal 
ALA N   CA   sing N N 1   
ALA N   H    sing N N 2   
ALA N   H2   sing N N 3   
ALA CA  C    sing N N 4   
ALA CA  CB   sing N N 5   
ALA CA  HA   sing N N 6   
ALA C   O    doub N N 7   
ALA C   OXT  sing N N 8   
ALA CB  HB1  sing N N 9   
ALA CB  HB2  sing N N 10  
ALA CB  HB3  sing N N 11  
ALA OXT HXT  sing N N 12  
ARG N   CA   sing N N 13  
ARG N   H    sing N N 14  
ARG N   H2   sing N N 15  
ARG CA  C    sing N N 16  
ARG CA  CB   sing N N 17  
ARG CA  HA   sing N N 18  
ARG C   O    doub N N 19  
ARG C   OXT  sing N N 20  
ARG CB  CG   sing N N 21  
ARG CB  HB2  sing N N 22  
ARG CB  HB3  sing N N 23  
ARG CG  CD   sing N N 24  
ARG CG  HG2  sing N N 25  
ARG CG  HG3  sing N N 26  
ARG CD  NE   sing N N 27  
ARG CD  HD2  sing N N 28  
ARG CD  HD3  sing N N 29  
ARG NE  CZ   sing N N 30  
ARG NE  HE   sing N N 31  
ARG CZ  NH1  sing N N 32  
ARG CZ  NH2  doub N N 33  
ARG NH1 HH11 sing N N 34  
ARG NH1 HH12 sing N N 35  
ARG NH2 HH21 sing N N 36  
ARG NH2 HH22 sing N N 37  
ARG OXT HXT  sing N N 38  
ASN N   CA   sing N N 39  
ASN N   H    sing N N 40  
ASN N   H2   sing N N 41  
ASN CA  C    sing N N 42  
ASN CA  CB   sing N N 43  
ASN CA  HA   sing N N 44  
ASN C   O    doub N N 45  
ASN C   OXT  sing N N 46  
ASN CB  CG   sing N N 47  
ASN CB  HB2  sing N N 48  
ASN CB  HB3  sing N N 49  
ASN CG  OD1  doub N N 50  
ASN CG  ND2  sing N N 51  
ASN ND2 HD21 sing N N 52  
ASN ND2 HD22 sing N N 53  
ASN OXT HXT  sing N N 54  
ASP N   CA   sing N N 55  
ASP N   H    sing N N 56  
ASP N   H2   sing N N 57  
ASP CA  C    sing N N 58  
ASP CA  CB   sing N N 59  
ASP CA  HA   sing N N 60  
ASP C   O    doub N N 61  
ASP C   OXT  sing N N 62  
ASP CB  CG   sing N N 63  
ASP CB  HB2  sing N N 64  
ASP CB  HB3  sing N N 65  
ASP CG  OD1  doub N N 66  
ASP CG  OD2  sing N N 67  
ASP OD2 HD2  sing N N 68  
ASP OXT HXT  sing N N 69  
CYS N   CA   sing N N 70  
CYS N   H    sing N N 71  
CYS N   H2   sing N N 72  
CYS CA  C    sing N N 73  
CYS CA  CB   sing N N 74  
CYS CA  HA   sing N N 75  
CYS C   O    doub N N 76  
CYS C   OXT  sing N N 77  
CYS CB  SG   sing N N 78  
CYS CB  HB2  sing N N 79  
CYS CB  HB3  sing N N 80  
CYS SG  HG   sing N N 81  
CYS OXT HXT  sing N N 82  
GLU N   CA   sing N N 83  
GLU N   H    sing N N 84  
GLU N   H2   sing N N 85  
GLU CA  C    sing N N 86  
GLU CA  CB   sing N N 87  
GLU CA  HA   sing N N 88  
GLU C   O    doub N N 89  
GLU C   OXT  sing N N 90  
GLU CB  CG   sing N N 91  
GLU CB  HB2  sing N N 92  
GLU CB  HB3  sing N N 93  
GLU CG  CD   sing N N 94  
GLU CG  HG2  sing N N 95  
GLU CG  HG3  sing N N 96  
GLU CD  OE1  doub N N 97  
GLU CD  OE2  sing N N 98  
GLU OE2 HE2  sing N N 99  
GLU OXT HXT  sing N N 100 
GLY N   CA   sing N N 101 
GLY N   H    sing N N 102 
GLY N   H2   sing N N 103 
GLY CA  C    sing N N 104 
GLY CA  HA2  sing N N 105 
GLY CA  HA3  sing N N 106 
GLY C   O    doub N N 107 
GLY C   OXT  sing N N 108 
GLY OXT HXT  sing N N 109 
ILE N   CA   sing N N 110 
ILE N   H    sing N N 111 
ILE N   H2   sing N N 112 
ILE CA  C    sing N N 113 
ILE CA  CB   sing N N 114 
ILE CA  HA   sing N N 115 
ILE C   O    doub N N 116 
ILE C   OXT  sing N N 117 
ILE CB  CG1  sing N N 118 
ILE CB  CG2  sing N N 119 
ILE CB  HB   sing N N 120 
ILE CG1 CD1  sing N N 121 
ILE CG1 HG12 sing N N 122 
ILE CG1 HG13 sing N N 123 
ILE CG2 HG21 sing N N 124 
ILE CG2 HG22 sing N N 125 
ILE CG2 HG23 sing N N 126 
ILE CD1 HD11 sing N N 127 
ILE CD1 HD12 sing N N 128 
ILE CD1 HD13 sing N N 129 
ILE OXT HXT  sing N N 130 
LEU N   CA   sing N N 131 
LEU N   H    sing N N 132 
LEU N   H2   sing N N 133 
LEU CA  C    sing N N 134 
LEU CA  CB   sing N N 135 
LEU CA  HA   sing N N 136 
LEU C   O    doub N N 137 
LEU C   OXT  sing N N 138 
LEU CB  CG   sing N N 139 
LEU CB  HB2  sing N N 140 
LEU CB  HB3  sing N N 141 
LEU CG  CD1  sing N N 142 
LEU CG  CD2  sing N N 143 
LEU CG  HG   sing N N 144 
LEU CD1 HD11 sing N N 145 
LEU CD1 HD12 sing N N 146 
LEU CD1 HD13 sing N N 147 
LEU CD2 HD21 sing N N 148 
LEU CD2 HD22 sing N N 149 
LEU CD2 HD23 sing N N 150 
LEU OXT HXT  sing N N 151 
LYS N   CA   sing N N 152 
LYS N   H    sing N N 153 
LYS N   H2   sing N N 154 
LYS CA  C    sing N N 155 
LYS CA  CB   sing N N 156 
LYS CA  HA   sing N N 157 
LYS C   O    doub N N 158 
LYS C   OXT  sing N N 159 
LYS CB  CG   sing N N 160 
LYS CB  HB2  sing N N 161 
LYS CB  HB3  sing N N 162 
LYS CG  CD   sing N N 163 
LYS CG  HG2  sing N N 164 
LYS CG  HG3  sing N N 165 
LYS CD  CE   sing N N 166 
LYS CD  HD2  sing N N 167 
LYS CD  HD3  sing N N 168 
LYS CE  NZ   sing N N 169 
LYS CE  HE2  sing N N 170 
LYS CE  HE3  sing N N 171 
LYS NZ  HZ1  sing N N 172 
LYS NZ  HZ2  sing N N 173 
LYS NZ  HZ3  sing N N 174 
LYS OXT HXT  sing N N 175 
MET N   CA   sing N N 176 
MET N   H    sing N N 177 
MET N   H2   sing N N 178 
MET CA  C    sing N N 179 
MET CA  CB   sing N N 180 
MET CA  HA   sing N N 181 
MET C   O    doub N N 182 
MET C   OXT  sing N N 183 
MET CB  CG   sing N N 184 
MET CB  HB2  sing N N 185 
MET CB  HB3  sing N N 186 
MET CG  SD   sing N N 187 
MET CG  HG2  sing N N 188 
MET CG  HG3  sing N N 189 
MET SD  CE   sing N N 190 
MET CE  HE1  sing N N 191 
MET CE  HE2  sing N N 192 
MET CE  HE3  sing N N 193 
MET OXT HXT  sing N N 194 
PHE N   CA   sing N N 195 
PHE N   H    sing N N 196 
PHE N   H2   sing N N 197 
PHE CA  C    sing N N 198 
PHE CA  CB   sing N N 199 
PHE CA  HA   sing N N 200 
PHE C   O    doub N N 201 
PHE C   OXT  sing N N 202 
PHE CB  CG   sing N N 203 
PHE CB  HB2  sing N N 204 
PHE CB  HB3  sing N N 205 
PHE CG  CD1  doub Y N 206 
PHE CG  CD2  sing Y N 207 
PHE CD1 CE1  sing Y N 208 
PHE CD1 HD1  sing N N 209 
PHE CD2 CE2  doub Y N 210 
PHE CD2 HD2  sing N N 211 
PHE CE1 CZ   doub Y N 212 
PHE CE1 HE1  sing N N 213 
PHE CE2 CZ   sing Y N 214 
PHE CE2 HE2  sing N N 215 
PHE CZ  HZ   sing N N 216 
PHE OXT HXT  sing N N 217 
SER N   CA   sing N N 218 
SER N   H    sing N N 219 
SER N   H2   sing N N 220 
SER CA  C    sing N N 221 
SER CA  CB   sing N N 222 
SER CA  HA   sing N N 223 
SER C   O    doub N N 224 
SER C   OXT  sing N N 225 
SER CB  OG   sing N N 226 
SER CB  HB2  sing N N 227 
SER CB  HB3  sing N N 228 
SER OG  HG   sing N N 229 
SER OXT HXT  sing N N 230 
THR N   CA   sing N N 231 
THR N   H    sing N N 232 
THR N   H2   sing N N 233 
THR CA  C    sing N N 234 
THR CA  CB   sing N N 235 
THR CA  HA   sing N N 236 
THR C   O    doub N N 237 
THR C   OXT  sing N N 238 
THR CB  OG1  sing N N 239 
THR CB  CG2  sing N N 240 
THR CB  HB   sing N N 241 
THR OG1 HG1  sing N N 242 
THR CG2 HG21 sing N N 243 
THR CG2 HG22 sing N N 244 
THR CG2 HG23 sing N N 245 
THR OXT HXT  sing N N 246 
TYR N   CA   sing N N 247 
TYR N   H    sing N N 248 
TYR N   H2   sing N N 249 
TYR CA  C    sing N N 250 
TYR CA  CB   sing N N 251 
TYR CA  HA   sing N N 252 
TYR C   O    doub N N 253 
TYR C   OXT  sing N N 254 
TYR CB  CG   sing N N 255 
TYR CB  HB2  sing N N 256 
TYR CB  HB3  sing N N 257 
TYR CG  CD1  doub Y N 258 
TYR CG  CD2  sing Y N 259 
TYR CD1 CE1  sing Y N 260 
TYR CD1 HD1  sing N N 261 
TYR CD2 CE2  doub Y N 262 
TYR CD2 HD2  sing N N 263 
TYR CE1 CZ   doub Y N 264 
TYR CE1 HE1  sing N N 265 
TYR CE2 CZ   sing Y N 266 
TYR CE2 HE2  sing N N 267 
TYR CZ  OH   sing N N 268 
TYR OH  HH   sing N N 269 
TYR OXT HXT  sing N N 270 
VAL N   CA   sing N N 271 
VAL N   H    sing N N 272 
VAL N   H2   sing N N 273 
VAL CA  C    sing N N 274 
VAL CA  CB   sing N N 275 
VAL CA  HA   sing N N 276 
VAL C   O    doub N N 277 
VAL C   OXT  sing N N 278 
VAL CB  CG1  sing N N 279 
VAL CB  CG2  sing N N 280 
VAL CB  HB   sing N N 281 
VAL CG1 HG11 sing N N 282 
VAL CG1 HG12 sing N N 283 
VAL CG1 HG13 sing N N 284 
VAL CG2 HG21 sing N N 285 
VAL CG2 HG22 sing N N 286 
VAL CG2 HG23 sing N N 287 
VAL OXT HXT  sing N N 288 
# 
_pdbx_nmr_spectrometer.spectrometer_id   1 
_pdbx_nmr_spectrometer.model             UNITY500 
_pdbx_nmr_spectrometer.manufacturer      Varian 
_pdbx_nmr_spectrometer.field_strength    500 
# 
_atom_sites.entry_id                    1BL1 
_atom_sites.fract_transf_matrix[1][1]   1.000000 
_atom_sites.fract_transf_matrix[1][2]   0.000000 
_atom_sites.fract_transf_matrix[1][3]   0.000000 
_atom_sites.fract_transf_matrix[2][1]   0.000000 
_atom_sites.fract_transf_matrix[2][2]   1.000000 
_atom_sites.fract_transf_matrix[2][3]   0.000000 
_atom_sites.fract_transf_matrix[3][1]   0.000000 
_atom_sites.fract_transf_matrix[3][2]   0.000000 
_atom_sites.fract_transf_matrix[3][3]   1.000000 
_atom_sites.fract_transf_vector[1]      0.00000 
_atom_sites.fract_transf_vector[2]      0.00000 
_atom_sites.fract_transf_vector[3]      0.00000 
# 
loop_
_atom_type.symbol 
C 
H 
N 
O 
S 
# 
loop_
_atom_site.group_PDB 
_atom_site.id 
_atom_site.type_symbol 
_atom_site.label_atom_id 
_atom_site.label_alt_id 
_atom_site.label_comp_id 
_atom_site.label_asym_id 
_atom_site.label_entity_id 
_atom_site.label_seq_id 
_atom_site.pdbx_PDB_ins_code 
_atom_site.Cartn_x 
_atom_site.Cartn_y 
_atom_site.Cartn_z 
_atom_site.occupancy 
_atom_site.B_iso_or_equiv 
_atom_site.pdbx_formal_charge 
_atom_site.auth_seq_id 
_atom_site.auth_comp_id 
_atom_site.auth_asym_id 
_atom_site.auth_atom_id 
_atom_site.pdbx_PDB_model_num 
ATOM 1   N N    . SER A 1 1  ? 5.532   17.260  6.873   1.00 0.00 ? 1  SER A N    1 
ATOM 2   C CA   . SER A 1 1  ? 6.901   16.873  7.282   1.00 0.00 ? 1  SER A CA   1 
ATOM 3   C C    . SER A 1 1  ? 6.905   15.504  8.013   1.00 0.00 ? 1  SER A C    1 
ATOM 4   O O    . SER A 1 1  ? 7.357   14.519  7.425   1.00 0.00 ? 1  SER A O    1 
ATOM 5   C CB   . SER A 1 1  ? 7.629   18.029  8.011   1.00 0.00 ? 1  SER A CB   1 
ATOM 6   O OG   . SER A 1 1  ? 6.974   18.420  9.214   1.00 0.00 ? 1  SER A OG   1 
ATOM 7   H H1   . SER A 1 1  ? 5.084   16.528  6.309   1.00 0.00 ? 1  SER A H1   1 
ATOM 8   H H2   . SER A 1 1  ? 4.930   17.434  7.684   1.00 0.00 ? 1  SER A H2   1 
ATOM 9   H H3   . SER A 1 1  ? 5.534   18.117  6.308   1.00 0.00 ? 1  SER A H3   1 
ATOM 10  H HA   . SER A 1 1  ? 7.465   16.722  6.343   1.00 0.00 ? 1  SER A HA   1 
ATOM 11  H HB2  . SER A 1 1  ? 8.668   17.735  8.245   1.00 0.00 ? 1  SER A HB2  1 
ATOM 12  H HB3  . SER A 1 1  ? 7.713   18.909  7.346   1.00 0.00 ? 1  SER A HB3  1 
ATOM 13  H HG   . SER A 1 1  ? 6.968   17.642  9.776   1.00 0.00 ? 1  SER A HG   1 
ATOM 14  N N    . GLU A 1 2  ? 6.389   15.424  9.259   1.00 0.00 ? 2  GLU A N    1 
ATOM 15  C CA   . GLU A 1 2  ? 6.330   14.161  10.056  1.00 0.00 ? 2  GLU A CA   1 
ATOM 16  C C    . GLU A 1 2  ? 5.516   12.974  9.448   1.00 0.00 ? 2  GLU A C    1 
ATOM 17  O O    . GLU A 1 2  ? 5.979   11.832  9.532   1.00 0.00 ? 2  GLU A O    1 
ATOM 18  C CB   . GLU A 1 2  ? 5.965   14.460  11.539  1.00 0.00 ? 2  GLU A CB   1 
ATOM 19  C CG   . GLU A 1 2  ? 4.516   14.875  11.902  1.00 0.00 ? 2  GLU A CG   1 
ATOM 20  C CD   . GLU A 1 2  ? 4.073   16.248  11.383  1.00 0.00 ? 2  GLU A CD   1 
ATOM 21  O OE1  . GLU A 1 2  ? 4.474   17.277  11.970  1.00 0.00 ? 2  GLU A OE1  1 
ATOM 22  O OE2  . GLU A 1 2  ? 3.329   16.302  10.378  1.00 0.00 ? 2  GLU A OE2  1 
ATOM 23  H H    . GLU A 1 2  ? 6.042   16.313  9.636   1.00 0.00 ? 2  GLU A H    1 
ATOM 24  H HA   . GLU A 1 2  ? 7.375   13.800  10.101  1.00 0.00 ? 2  GLU A HA   1 
ATOM 25  H HB2  . GLU A 1 2  ? 6.198   13.553  12.128  1.00 0.00 ? 2  GLU A HB2  1 
ATOM 26  H HB3  . GLU A 1 2  ? 6.663   15.218  11.944  1.00 0.00 ? 2  GLU A HB3  1 
ATOM 27  H HG2  . GLU A 1 2  ? 3.803   14.100  11.562  1.00 0.00 ? 2  GLU A HG2  1 
ATOM 28  H HG3  . GLU A 1 2  ? 4.416   14.880  13.004  1.00 0.00 ? 2  GLU A HG3  1 
ATOM 29  N N    . ALA A 1 3  ? 4.354   13.236  8.811   1.00 0.00 ? 3  ALA A N    1 
ATOM 30  C CA   . ALA A 1 3  ? 3.611   12.224  8.008   1.00 0.00 ? 3  ALA A CA   1 
ATOM 31  C C    . ALA A 1 3  ? 4.387   11.607  6.801   1.00 0.00 ? 3  ALA A C    1 
ATOM 32  O O    . ALA A 1 3  ? 4.373   10.384  6.631   1.00 0.00 ? 3  ALA A O    1 
ATOM 33  C CB   . ALA A 1 3  ? 2.271   12.835  7.558   1.00 0.00 ? 3  ALA A CB   1 
ATOM 34  H H    . ALA A 1 3  ? 4.086   14.227  8.804   1.00 0.00 ? 3  ALA A H    1 
ATOM 35  H HA   . ALA A 1 3  ? 3.351   11.396  8.690   1.00 0.00 ? 3  ALA A HA   1 
ATOM 36  H HB1  . ALA A 1 3  ? 1.669   13.186  8.418   1.00 0.00 ? 3  ALA A HB1  1 
ATOM 37  H HB2  . ALA A 1 3  ? 2.411   13.699  6.881   1.00 0.00 ? 3  ALA A HB2  1 
ATOM 38  H HB3  . ALA A 1 3  ? 1.648   12.095  7.021   1.00 0.00 ? 3  ALA A HB3  1 
ATOM 39  N N    . VAL A 1 4  ? 5.082   12.443  6.001   1.00 0.00 ? 4  VAL A N    1 
ATOM 40  C CA   . VAL A 1 4  ? 5.953   11.997  4.870   1.00 0.00 ? 4  VAL A CA   1 
ATOM 41  C C    . VAL A 1 4  ? 7.222   11.188  5.323   1.00 0.00 ? 4  VAL A C    1 
ATOM 42  O O    . VAL A 1 4  ? 7.599   10.261  4.606   1.00 0.00 ? 4  VAL A O    1 
ATOM 43  C CB   . VAL A 1 4  ? 6.301   13.221  3.941   1.00 0.00 ? 4  VAL A CB   1 
ATOM 44  C CG1  . VAL A 1 4  ? 7.193   12.859  2.726   1.00 0.00 ? 4  VAL A CG1  1 
ATOM 45  C CG2  . VAL A 1 4  ? 5.057   13.958  3.379   1.00 0.00 ? 4  VAL A CG2  1 
ATOM 46  H H    . VAL A 1 4  ? 5.015   13.434  6.264   1.00 0.00 ? 4  VAL A H    1 
ATOM 47  H HA   . VAL A 1 4  ? 5.347   11.300  4.255   1.00 0.00 ? 4  VAL A HA   1 
ATOM 48  H HB   . VAL A 1 4  ? 6.867   13.955  4.547   1.00 0.00 ? 4  VAL A HB   1 
ATOM 49  H HG11 . VAL A 1 4  ? 6.725   12.092  2.081   1.00 0.00 ? 4  VAL A HG11 1 
ATOM 50  H HG12 . VAL A 1 4  ? 7.409   13.739  2.091   1.00 0.00 ? 4  VAL A HG12 1 
ATOM 51  H HG13 . VAL A 1 4  ? 8.175   12.464  3.042   1.00 0.00 ? 4  VAL A HG13 1 
ATOM 52  H HG21 . VAL A 1 4  ? 4.418   13.290  2.771   1.00 0.00 ? 4  VAL A HG21 1 
ATOM 53  H HG22 . VAL A 1 4  ? 4.421   14.369  4.185   1.00 0.00 ? 4  VAL A HG22 1 
ATOM 54  H HG23 . VAL A 1 4  ? 5.334   14.818  2.742   1.00 0.00 ? 4  VAL A HG23 1 
ATOM 55  N N    . LYS A 1 5  ? 7.879   11.522  6.458   1.00 0.00 ? 5  LYS A N    1 
ATOM 56  C CA   . LYS A 1 5  ? 9.143   10.872  6.915   1.00 0.00 ? 5  LYS A CA   1 
ATOM 57  C C    . LYS A 1 5  ? 9.067   9.328   7.130   1.00 0.00 ? 5  LYS A C    1 
ATOM 58  O O    . LYS A 1 5  ? 9.867   8.616   6.520   1.00 0.00 ? 5  LYS A O    1 
ATOM 59  C CB   . LYS A 1 5  ? 9.697   11.605  8.170   1.00 0.00 ? 5  LYS A CB   1 
ATOM 60  C CG   . LYS A 1 5  ? 10.329  12.987  7.879   1.00 0.00 ? 5  LYS A CG   1 
ATOM 61  C CD   . LYS A 1 5  ? 10.639  13.797  9.151   1.00 0.00 ? 5  LYS A CD   1 
ATOM 62  C CE   . LYS A 1 5  ? 11.186  15.202  8.838   1.00 0.00 ? 5  LYS A CE   1 
ATOM 63  N NZ   . LYS A 1 5  ? 11.462  15.959  10.071  1.00 0.00 ? 5  LYS A NZ   1 
ATOM 64  H H    . LYS A 1 5  ? 7.468   12.312  6.969   1.00 0.00 ? 5  LYS A H    1 
ATOM 65  H HA   . LYS A 1 5  ? 9.886   11.026  6.108   1.00 0.00 ? 5  LYS A HA   1 
ATOM 66  H HB2  . LYS A 1 5  ? 8.896   11.700  8.928   1.00 0.00 ? 5  LYS A HB2  1 
ATOM 67  H HB3  . LYS A 1 5  ? 10.474  10.983  8.657   1.00 0.00 ? 5  LYS A HB3  1 
ATOM 68  H HG2  . LYS A 1 5  ? 11.254  12.847  7.289   1.00 0.00 ? 5  LYS A HG2  1 
ATOM 69  H HG3  . LYS A 1 5  ? 9.658   13.577  7.229   1.00 0.00 ? 5  LYS A HG3  1 
ATOM 70  H HD2  . LYS A 1 5  ? 9.720   13.889  9.761   1.00 0.00 ? 5  LYS A HD2  1 
ATOM 71  H HD3  . LYS A 1 5  ? 11.363  13.238  9.775   1.00 0.00 ? 5  LYS A HD3  1 
ATOM 72  H HE2  . LYS A 1 5  ? 12.113  15.132  8.241   1.00 0.00 ? 5  LYS A HE2  1 
ATOM 73  H HE3  . LYS A 1 5  ? 10.460  15.769  8.223   1.00 0.00 ? 5  LYS A HE3  1 
ATOM 74  H HZ1  . LYS A 1 5  ? 10.620  16.061  10.648  1.00 0.00 ? 5  LYS A HZ1  1 
ATOM 75  H HZ2  . LYS A 1 5  ? 12.172  15.495  10.648  1.00 0.00 ? 5  LYS A HZ2  1 
ATOM 76  H HZ3  . LYS A 1 5  ? 11.808  16.903  9.866   1.00 0.00 ? 5  LYS A HZ3  1 
ATOM 77  N N    . PHE A 1 6  ? 8.113   8.806   7.930   1.00 0.00 ? 6  PHE A N    1 
ATOM 78  C CA   . PHE A 1 6  ? 7.871   7.331   8.044   1.00 0.00 ? 6  PHE A CA   1 
ATOM 79  C C    . PHE A 1 6  ? 7.426   6.585   6.741   1.00 0.00 ? 6  PHE A C    1 
ATOM 80  O O    . PHE A 1 6  ? 7.819   5.430   6.552   1.00 0.00 ? 6  PHE A O    1 
ATOM 81  C CB   . PHE A 1 6  ? 6.974   6.989   9.270   1.00 0.00 ? 6  PHE A CB   1 
ATOM 82  C CG   . PHE A 1 6  ? 5.533   7.546   9.311   1.00 0.00 ? 6  PHE A CG   1 
ATOM 83  C CD1  . PHE A 1 6  ? 4.502   6.921   8.599   1.00 0.00 ? 6  PHE A CD1  1 
ATOM 84  C CD2  . PHE A 1 6  ? 5.240   8.664   10.099  1.00 0.00 ? 6  PHE A CD2  1 
ATOM 85  C CE1  . PHE A 1 6  ? 3.203   7.420   8.659   1.00 0.00 ? 6  PHE A CE1  1 
ATOM 86  C CE2  . PHE A 1 6  ? 3.937   9.151   10.170  1.00 0.00 ? 6  PHE A CE2  1 
ATOM 87  C CZ   . PHE A 1 6  ? 2.922   8.534   9.444   1.00 0.00 ? 6  PHE A CZ   1 
ATOM 88  H H    . PHE A 1 6  ? 7.499   9.494   8.379   1.00 0.00 ? 6  PHE A H    1 
ATOM 89  H HA   . PHE A 1 6  ? 8.855   6.889   8.300   1.00 0.00 ? 6  PHE A HA   1 
ATOM 90  H HB2  . PHE A 1 6  ? 6.929   5.888   9.376   1.00 0.00 ? 6  PHE A HB2  1 
ATOM 91  H HB3  . PHE A 1 6  ? 7.512   7.299   10.186  1.00 0.00 ? 6  PHE A HB3  1 
ATOM 92  H HD1  . PHE A 1 6  ? 4.704   6.049   7.993   1.00 0.00 ? 6  PHE A HD1  1 
ATOM 93  H HD2  . PHE A 1 6  ? 6.018   9.160   10.662  1.00 0.00 ? 6  PHE A HD2  1 
ATOM 94  H HE1  . PHE A 1 6  ? 2.414   6.939   8.099   1.00 0.00 ? 6  PHE A HE1  1 
ATOM 95  H HE2  . PHE A 1 6  ? 3.717   10.015  10.779  1.00 0.00 ? 6  PHE A HE2  1 
ATOM 96  H HZ   . PHE A 1 6  ? 1.914   8.920   9.493   1.00 0.00 ? 6  PHE A HZ   1 
ATOM 97  N N    . LEU A 1 7  ? 6.648   7.233   5.849   1.00 0.00 ? 7  LEU A N    1 
ATOM 98  C CA   . LEU A 1 7  ? 6.320   6.694   4.495   1.00 0.00 ? 7  LEU A CA   1 
ATOM 99  C C    . LEU A 1 7  ? 7.545   6.572   3.527   1.00 0.00 ? 7  LEU A C    1 
ATOM 100 O O    . LEU A 1 7  ? 7.662   5.556   2.838   1.00 0.00 ? 7  LEU A O    1 
ATOM 101 C CB   . LEU A 1 7  ? 5.181   7.532   3.841   1.00 0.00 ? 7  LEU A CB   1 
ATOM 102 C CG   . LEU A 1 7  ? 3.807   7.582   4.573   1.00 0.00 ? 7  LEU A CG   1 
ATOM 103 C CD1  . LEU A 1 7  ? 2.882   8.629   3.924   1.00 0.00 ? 7  LEU A CD1  1 
ATOM 104 C CD2  . LEU A 1 7  ? 3.098   6.213   4.632   1.00 0.00 ? 7  LEU A CD2  1 
ATOM 105 H H    . LEU A 1 7  ? 6.384   8.186   6.125   1.00 0.00 ? 7  LEU A H    1 
ATOM 106 H HA   . LEU A 1 7  ? 5.930   5.667   4.632   1.00 0.00 ? 7  LEU A HA   1 
ATOM 107 H HB2  . LEU A 1 7  ? 5.550   8.569   3.704   1.00 0.00 ? 7  LEU A HB2  1 
ATOM 108 H HB3  . LEU A 1 7  ? 5.008   7.164   2.810   1.00 0.00 ? 7  LEU A HB3  1 
ATOM 109 H HG   . LEU A 1 7  ? 3.976   7.914   5.614   1.00 0.00 ? 7  LEU A HG   1 
ATOM 110 H HD11 . LEU A 1 7  ? 3.337   9.637   3.934   1.00 0.00 ? 7  LEU A HD11 1 
ATOM 111 H HD12 . LEU A 1 7  ? 2.650   8.385   2.870   1.00 0.00 ? 7  LEU A HD12 1 
ATOM 112 H HD13 . LEU A 1 7  ? 1.919   8.716   4.461   1.00 0.00 ? 7  LEU A HD13 1 
ATOM 113 H HD21 . LEU A 1 7  ? 2.903   5.802   3.623   1.00 0.00 ? 7  LEU A HD21 1 
ATOM 114 H HD22 . LEU A 1 7  ? 3.697   5.465   5.183   1.00 0.00 ? 7  LEU A HD22 1 
ATOM 115 H HD23 . LEU A 1 7  ? 2.125   6.280   5.156   1.00 0.00 ? 7  LEU A HD23 1 
ATOM 116 N N    . THR A 1 8  ? 8.457   7.567   3.496   1.00 0.00 ? 8  THR A N    1 
ATOM 117 C CA   . THR A 1 8  ? 9.767   7.473   2.778   1.00 0.00 ? 8  THR A CA   1 
ATOM 118 C C    . THR A 1 8  ? 10.795  6.449   3.373   1.00 0.00 ? 8  THR A C    1 
ATOM 119 O O    . THR A 1 8  ? 11.571  5.884   2.596   1.00 0.00 ? 8  THR A O    1 
ATOM 120 C CB   . THR A 1 8  ? 10.427  8.875   2.599   1.00 0.00 ? 8  THR A CB   1 
ATOM 121 O OG1  . THR A 1 8  ? 10.650  9.507   3.857   1.00 0.00 ? 8  THR A OG1  1 
ATOM 122 C CG2  . THR A 1 8  ? 9.644   9.844   1.695   1.00 0.00 ? 8  THR A CG2  1 
ATOM 123 H H    . THR A 1 8  ? 8.243   8.359   4.113   1.00 0.00 ? 8  THR A H    1 
ATOM 124 H HA   . THR A 1 8  ? 9.546   7.108   1.756   1.00 0.00 ? 8  THR A HA   1 
ATOM 125 H HB   . THR A 1 8  ? 11.414  8.738   2.119   1.00 0.00 ? 8  THR A HB   1 
ATOM 126 H HG1  . THR A 1 8  ? 11.218  8.914   4.355   1.00 0.00 ? 8  THR A HG1  1 
ATOM 127 H HG21 . THR A 1 8  ? 9.516   9.435   0.676   1.00 0.00 ? 8  THR A HG21 1 
ATOM 128 H HG22 . THR A 1 8  ? 8.635   10.062  2.092   1.00 0.00 ? 8  THR A HG22 1 
ATOM 129 H HG23 . THR A 1 8  ? 10.169  10.812  1.592   1.00 0.00 ? 8  THR A HG23 1 
ATOM 130 N N    . ASN A 1 9  ? 10.803  6.185   4.700   1.00 0.00 ? 9  ASN A N    1 
ATOM 131 C CA   . ASN A 1 9  ? 11.599  5.078   5.310   1.00 0.00 ? 9  ASN A CA   1 
ATOM 132 C C    . ASN A 1 9  ? 11.119  3.659   4.866   1.00 0.00 ? 9  ASN A C    1 
ATOM 133 O O    . ASN A 1 9  ? 11.928  2.899   4.328   1.00 0.00 ? 9  ASN A O    1 
ATOM 134 C CB   . ASN A 1 9  ? 11.646  5.189   6.864   1.00 0.00 ? 9  ASN A CB   1 
ATOM 135 C CG   . ASN A 1 9  ? 12.405  6.389   7.465   1.00 0.00 ? 9  ASN A CG   1 
ATOM 136 O OD1  . ASN A 1 9  ? 11.816  7.274   8.083   1.00 0.00 ? 9  ASN A OD1  1 
ATOM 137 N ND2  . ASN A 1 9  ? 13.723  6.427   7.333   1.00 0.00 ? 9  ASN A ND2  1 
ATOM 138 H H    . ASN A 1 9  ? 10.113  6.713   5.245   1.00 0.00 ? 9  ASN A H    1 
ATOM 139 H HA   . ASN A 1 9  ? 12.642  5.183   4.953   1.00 0.00 ? 9  ASN A HA   1 
ATOM 140 H HB2  . ASN A 1 9  ? 10.613  5.187   7.266   1.00 0.00 ? 9  ASN A HB2  1 
ATOM 141 H HB3  . ASN A 1 9  ? 12.097  4.267   7.285   1.00 0.00 ? 9  ASN A HB3  1 
ATOM 142 H HD21 . ASN A 1 9  ? 14.156  5.650   6.823   1.00 0.00 ? 9  ASN A HD21 1 
ATOM 143 H HD22 . ASN A 1 9  ? 14.204  7.230   7.756   1.00 0.00 ? 9  ASN A HD22 1 
ATOM 144 N N    . GLU A 1 10 ? 9.828   3.321   5.073   1.00 0.00 ? 10 GLU A N    1 
ATOM 145 C CA   . GLU A 1 10 ? 9.235   2.040   4.611   1.00 0.00 ? 10 GLU A CA   1 
ATOM 146 C C    . GLU A 1 10 ? 8.287   2.357   3.427   1.00 0.00 ? 10 GLU A C    1 
ATOM 147 O O    . GLU A 1 10 ? 7.144   2.783   3.634   1.00 0.00 ? 10 GLU A O    1 
ATOM 148 C CB   . GLU A 1 10 ? 8.499   1.316   5.776   1.00 0.00 ? 10 GLU A CB   1 
ATOM 149 C CG   . GLU A 1 10 ? 9.361   0.843   6.970   1.00 0.00 ? 10 GLU A CG   1 
ATOM 150 C CD   . GLU A 1 10 ? 10.380  -0.248  6.627   1.00 0.00 ? 10 GLU A CD   1 
ATOM 151 O OE1  . GLU A 1 10 ? 10.020  -1.446  6.662   1.00 0.00 ? 10 GLU A OE1  1 
ATOM 152 O OE2  . GLU A 1 10 ? 11.544  0.088   6.316   1.00 0.00 ? 10 GLU A OE2  1 
ATOM 153 H H    . GLU A 1 10 ? 9.258   4.048   5.522   1.00 0.00 ? 10 GLU A H    1 
ATOM 154 H HA   . GLU A 1 10 ? 10.025  1.344   4.261   1.00 0.00 ? 10 GLU A HA   1 
ATOM 155 H HB2  . GLU A 1 10 ? 7.700   1.974   6.171   1.00 0.00 ? 10 GLU A HB2  1 
ATOM 156 H HB3  . GLU A 1 10 ? 7.958   0.437   5.373   1.00 0.00 ? 10 GLU A HB3  1 
ATOM 157 H HG2  . GLU A 1 10 ? 9.882   1.705   7.427   1.00 0.00 ? 10 GLU A HG2  1 
ATOM 158 H HG3  . GLU A 1 10 ? 8.693   0.463   7.765   1.00 0.00 ? 10 GLU A HG3  1 
ATOM 159 N N    . THR A 1 11 ? 8.774   2.147   2.187   1.00 0.00 ? 11 THR A N    1 
ATOM 160 C CA   . THR A 1 11 ? 7.976   2.387   0.946   1.00 0.00 ? 11 THR A CA   1 
ATOM 161 C C    . THR A 1 11 ? 7.250   1.078   0.499   1.00 0.00 ? 11 THR A C    1 
ATOM 162 O O    . THR A 1 11 ? 7.597   0.452   -0.508  1.00 0.00 ? 11 THR A O    1 
ATOM 163 C CB   . THR A 1 11 ? 8.853   3.019   -0.179  1.00 0.00 ? 11 THR A CB   1 
ATOM 164 O OG1  . THR A 1 11 ? 9.972   2.190   -0.490  1.00 0.00 ? 11 THR A OG1  1 
ATOM 165 C CG2  . THR A 1 11 ? 9.360   4.440   0.110   1.00 0.00 ? 11 THR A CG2  1 
ATOM 166 H H    . THR A 1 11 ? 9.737   1.792   2.153   1.00 0.00 ? 11 THR A H    1 
ATOM 167 H HA   . THR A 1 11 ? 7.185   3.138   1.153   1.00 0.00 ? 11 THR A HA   1 
ATOM 168 H HB   . THR A 1 11 ? 8.229   3.096   -1.088  1.00 0.00 ? 11 THR A HB   1 
ATOM 169 H HG1  . THR A 1 11 ? 10.432  2.627   -1.212  1.00 0.00 ? 11 THR A HG1  1 
ATOM 170 H HG21 . THR A 1 11 ? 8.525   5.142   0.294   1.00 0.00 ? 11 THR A HG21 1 
ATOM 171 H HG22 . THR A 1 11 ? 10.017  4.467   0.997   1.00 0.00 ? 11 THR A HG22 1 
ATOM 172 H HG23 . THR A 1 11 ? 9.940   4.842   -0.740  1.00 0.00 ? 11 THR A HG23 1 
ATOM 173 N N    . ARG A 1 12 ? 6.228   0.682   1.282   1.00 0.00 ? 12 ARG A N    1 
ATOM 174 C CA   . ARG A 1 12 ? 5.439   -0.562  1.056   1.00 0.00 ? 12 ARG A CA   1 
ATOM 175 C C    . ARG A 1 12 ? 4.099   -0.299  0.304   1.00 0.00 ? 12 ARG A C    1 
ATOM 176 O O    . ARG A 1 12 ? 3.758   -1.082  -0.585  1.00 0.00 ? 12 ARG A O    1 
ATOM 177 C CB   . ARG A 1 12 ? 5.192   -1.317  2.393   1.00 0.00 ? 12 ARG A CB   1 
ATOM 178 C CG   . ARG A 1 12 ? 6.418   -1.741  3.245   1.00 0.00 ? 12 ARG A CG   1 
ATOM 179 C CD   . ARG A 1 12 ? 7.399   -2.764  2.625   1.00 0.00 ? 12 ARG A CD   1 
ATOM 180 N NE   . ARG A 1 12 ? 8.373   -2.180  1.664   1.00 0.00 ? 12 ARG A NE   1 
ATOM 181 C CZ   . ARG A 1 12 ? 9.539   -1.592  2.002   1.00 0.00 ? 12 ARG A CZ   1 
ATOM 182 N NH1  . ARG A 1 12 ? 9.979   -1.475  3.252   1.00 0.00 ? 12 ARG A NH1  1 
ATOM 183 N NH2  . ARG A 1 12 ? 10.291  -1.099  1.035   1.00 0.00 ? 12 ARG A NH2  1 
ATOM 184 H H    . ARG A 1 12 ? 6.046   1.294   2.085   1.00 0.00 ? 12 ARG A H    1 
ATOM 185 H HA   . ARG A 1 12 ? 6.022   -1.253  0.417   1.00 0.00 ? 12 ARG A HA   1 
ATOM 186 H HB2  . ARG A 1 12 ? 4.537   -0.698  3.037   1.00 0.00 ? 12 ARG A HB2  1 
ATOM 187 H HB3  . ARG A 1 12 ? 4.595   -2.226  2.186   1.00 0.00 ? 12 ARG A HB3  1 
ATOM 188 H HG2  . ARG A 1 12 ? 6.968   -0.844  3.589   1.00 0.00 ? 12 ARG A HG2  1 
ATOM 189 H HG3  . ARG A 1 12 ? 6.024   -2.187  4.176   1.00 0.00 ? 12 ARG A HG3  1 
ATOM 190 H HD2  . ARG A 1 12 ? 7.941   -3.289  3.435   1.00 0.00 ? 12 ARG A HD2  1 
ATOM 191 H HD3  . ARG A 1 12 ? 6.832   -3.563  2.114   1.00 0.00 ? 12 ARG A HD3  1 
ATOM 192 H HE   . ARG A 1 12 ? 8.186   -2.187  0.655   1.00 0.00 ? 12 ARG A HE   1 
ATOM 193 H HH11 . ARG A 1 12 ? 9.380   -1.864  3.989   1.00 0.00 ? 12 ARG A HH11 1 
ATOM 194 H HH12 . ARG A 1 12 ? 10.883  -1.004  3.378   1.00 0.00 ? 12 ARG A HH12 1 
ATOM 195 H HH21 . ARG A 1 12 ? 9.934   -1.198  0.078   1.00 0.00 ? 12 ARG A HH21 1 
ATOM 196 H HH22 . ARG A 1 12 ? 11.172  -0.654  1.319   1.00 0.00 ? 12 ARG A HH22 1 
ATOM 197 N N    . GLU A 1 13 ? 3.362   0.785   0.641   1.00 0.00 ? 13 GLU A N    1 
ATOM 198 C CA   . GLU A 1 13 ? 2.159   1.261   -0.104  1.00 0.00 ? 13 GLU A CA   1 
ATOM 199 C C    . GLU A 1 13 ? 2.293   1.397   -1.656  1.00 0.00 ? 13 GLU A C    1 
ATOM 200 O O    . GLU A 1 13 ? 1.447   0.863   -2.377  1.00 0.00 ? 13 GLU A O    1 
ATOM 201 C CB   . GLU A 1 13 ? 1.543   2.529   0.571   1.00 0.00 ? 13 GLU A CB   1 
ATOM 202 C CG   . GLU A 1 13 ? 2.450   3.666   1.120   1.00 0.00 ? 13 GLU A CG   1 
ATOM 203 C CD   . GLU A 1 13 ? 3.322   4.401   0.100   1.00 0.00 ? 13 GLU A CD   1 
ATOM 204 O OE1  . GLU A 1 13 ? 2.783   5.202   -0.695  1.00 0.00 ? 13 GLU A OE1  1 
ATOM 205 O OE2  . GLU A 1 13 ? 4.554   4.180   0.086   1.00 0.00 ? 13 GLU A OE2  1 
ATOM 206 H H    . GLU A 1 13 ? 3.765   1.342   1.402   1.00 0.00 ? 13 GLU A H    1 
ATOM 207 H HA   . GLU A 1 13 ? 1.396   0.473   0.045   1.00 0.00 ? 13 GLU A HA   1 
ATOM 208 H HB2  . GLU A 1 13 ? 0.781   2.973   -0.100  1.00 0.00 ? 13 GLU A HB2  1 
ATOM 209 H HB3  . GLU A 1 13 ? 0.945   2.178   1.433   1.00 0.00 ? 13 GLU A HB3  1 
ATOM 210 H HG2  . GLU A 1 13 ? 1.811   4.413   1.625   1.00 0.00 ? 13 GLU A HG2  1 
ATOM 211 H HG3  . GLU A 1 13 ? 3.093   3.266   1.927   1.00 0.00 ? 13 GLU A HG3  1 
ATOM 212 N N    . ARG A 1 14 ? 3.356   2.046   -2.169  1.00 0.00 ? 14 ARG A N    1 
ATOM 213 C CA   . ARG A 1 14 ? 3.649   2.108   -3.632  1.00 0.00 ? 14 ARG A CA   1 
ATOM 214 C C    . ARG A 1 14 ? 3.980   0.751   -4.339  1.00 0.00 ? 14 ARG A C    1 
ATOM 215 O O    . ARG A 1 14 ? 3.631   0.595   -5.511  1.00 0.00 ? 14 ARG A O    1 
ATOM 216 C CB   . ARG A 1 14 ? 4.686   3.233   -3.918  1.00 0.00 ? 14 ARG A CB   1 
ATOM 217 C CG   . ARG A 1 14 ? 6.132   3.068   -3.383  1.00 0.00 ? 14 ARG A CG   1 
ATOM 218 C CD   . ARG A 1 14 ? 7.102   2.380   -4.364  1.00 0.00 ? 14 ARG A CD   1 
ATOM 219 N NE   . ARG A 1 14 ? 8.454   2.247   -3.772  1.00 0.00 ? 14 ARG A NE   1 
ATOM 220 C CZ   . ARG A 1 14 ? 9.485   1.611   -4.357  1.00 0.00 ? 14 ARG A CZ   1 
ATOM 221 N NH1  . ARG A 1 14 ? 9.418   1.030   -5.555  1.00 0.00 ? 14 ARG A NH1  1 
ATOM 222 N NH2  . ARG A 1 14 ? 10.632  1.561   -3.707  1.00 0.00 ? 14 ARG A NH2  1 
ATOM 223 H H    . ARG A 1 14 ? 3.999   2.439   -1.472  1.00 0.00 ? 14 ARG A H    1 
ATOM 224 H HA   . ARG A 1 14 ? 2.715   2.464   -4.112  1.00 0.00 ? 14 ARG A HA   1 
ATOM 225 H HB2  . ARG A 1 14 ? 4.714   3.435   -5.005  1.00 0.00 ? 14 ARG A HB2  1 
ATOM 226 H HB3  . ARG A 1 14 ? 4.283   4.175   -3.496  1.00 0.00 ? 14 ARG A HB3  1 
ATOM 227 H HG2  . ARG A 1 14 ? 6.529   4.074   -3.148  1.00 0.00 ? 14 ARG A HG2  1 
ATOM 228 H HG3  . ARG A 1 14 ? 6.118   2.534   -2.412  1.00 0.00 ? 14 ARG A HG3  1 
ATOM 229 H HD2  . ARG A 1 14 ? 6.723   1.383   -4.648  1.00 0.00 ? 14 ARG A HD2  1 
ATOM 230 H HD3  . ARG A 1 14 ? 7.163   2.964   -5.302  1.00 0.00 ? 14 ARG A HD3  1 
ATOM 231 H HE   . ARG A 1 14 ? 8.671   2.643   -2.850  1.00 0.00 ? 14 ARG A HE   1 
ATOM 232 H HH11 . ARG A 1 14 ? 8.518   1.087   -6.043  1.00 0.00 ? 14 ARG A HH11 1 
ATOM 233 H HH12 . ARG A 1 14 ? 10.277  0.581   -5.895  1.00 0.00 ? 14 ARG A HH12 1 
ATOM 234 H HH21 . ARG A 1 14 ? 10.659  2.018   -2.790  1.00 0.00 ? 14 ARG A HH21 1 
ATOM 235 H HH22 . ARG A 1 14 ? 11.404  1.074   -4.176  1.00 0.00 ? 14 ARG A HH22 1 
ATOM 236 N N    . GLU A 1 15 ? 4.621   -0.213  -3.644  1.00 0.00 ? 15 GLU A N    1 
ATOM 237 C CA   . GLU A 1 15 ? 4.897   -1.575  -4.185  1.00 0.00 ? 15 GLU A CA   1 
ATOM 238 C C    . GLU A 1 15 ? 3.647   -2.512  -4.251  1.00 0.00 ? 15 GLU A C    1 
ATOM 239 O O    . GLU A 1 15 ? 3.485   -3.204  -5.258  1.00 0.00 ? 15 GLU A O    1 
ATOM 240 C CB   . GLU A 1 15 ? 6.051   -2.253  -3.396  1.00 0.00 ? 15 GLU A CB   1 
ATOM 241 C CG   . GLU A 1 15 ? 7.430   -1.569  -3.539  1.00 0.00 ? 15 GLU A CG   1 
ATOM 242 C CD   . GLU A 1 15 ? 8.550   -2.329  -2.829  1.00 0.00 ? 15 GLU A CD   1 
ATOM 243 O OE1  . GLU A 1 15 ? 8.687   -2.188  -1.594  1.00 0.00 ? 15 GLU A OE1  1 
ATOM 244 O OE2  . GLU A 1 15 ? 9.299   -3.071  -3.502  1.00 0.00 ? 15 GLU A OE2  1 
ATOM 245 H H    . GLU A 1 15 ? 4.847   0.037   -2.676  1.00 0.00 ? 15 GLU A H    1 
ATOM 246 H HA   . GLU A 1 15 ? 5.256   -1.460  -5.227  1.00 0.00 ? 15 GLU A HA   1 
ATOM 247 H HB2  . GLU A 1 15 ? 5.783   -2.330  -2.324  1.00 0.00 ? 15 GLU A HB2  1 
ATOM 248 H HB3  . GLU A 1 15 ? 6.155   -3.300  -3.742  1.00 0.00 ? 15 GLU A HB3  1 
ATOM 249 H HG2  . GLU A 1 15 ? 7.687   -1.454  -4.609  1.00 0.00 ? 15 GLU A HG2  1 
ATOM 250 H HG3  . GLU A 1 15 ? 7.387   -0.541  -3.134  1.00 0.00 ? 15 GLU A HG3  1 
ATOM 251 N N    . VAL A 1 16 ? 2.772   -2.542  -3.220  1.00 0.00 ? 16 VAL A N    1 
ATOM 252 C CA   . VAL A 1 16 ? 1.491   -3.321  -3.258  1.00 0.00 ? 16 VAL A CA   1 
ATOM 253 C C    . VAL A 1 16 ? 0.431   -2.782  -4.278  1.00 0.00 ? 16 VAL A C    1 
ATOM 254 O O    . VAL A 1 16 ? -0.198  -3.595  -4.961  1.00 0.00 ? 16 VAL A O    1 
ATOM 255 C CB   . VAL A 1 16 ? 0.880   -3.591  -1.840  1.00 0.00 ? 16 VAL A CB   1 
ATOM 256 C CG1  . VAL A 1 16 ? 1.802   -4.445  -0.938  1.00 0.00 ? 16 VAL A CG1  1 
ATOM 257 C CG2  . VAL A 1 16 ? 0.406   -2.337  -1.068  1.00 0.00 ? 16 VAL A CG2  1 
ATOM 258 H H    . VAL A 1 16 ? 3.009   -1.925  -2.436  1.00 0.00 ? 16 VAL A H    1 
ATOM 259 H HA   . VAL A 1 16 ? 1.759   -4.326  -3.642  1.00 0.00 ? 16 VAL A HA   1 
ATOM 260 H HB   . VAL A 1 16 ? -0.023  -4.211  -1.999  1.00 0.00 ? 16 VAL A HB   1 
ATOM 261 H HG11 . VAL A 1 16 ? 2.086   -5.392  -1.433  1.00 0.00 ? 16 VAL A HG11 1 
ATOM 262 H HG12 . VAL A 1 16 ? 2.740   -3.917  -0.680  1.00 0.00 ? 16 VAL A HG12 1 
ATOM 263 H HG13 . VAL A 1 16 ? 1.308   -4.718  0.011   1.00 0.00 ? 16 VAL A HG13 1 
ATOM 264 H HG21 . VAL A 1 16 ? -0.368  -1.778  -1.627  1.00 0.00 ? 16 VAL A HG21 1 
ATOM 265 H HG22 . VAL A 1 16 ? -0.041  -2.597  -0.091  1.00 0.00 ? 16 VAL A HG22 1 
ATOM 266 H HG23 . VAL A 1 16 ? 1.237   -1.637  -0.872  1.00 0.00 ? 16 VAL A HG23 1 
ATOM 267 N N    . PHE A 1 17 ? 0.256   -1.447  -4.412  1.00 0.00 ? 17 PHE A N    1 
ATOM 268 C CA   . PHE A 1 17 ? -0.554  -0.835  -5.508  1.00 0.00 ? 17 PHE A CA   1 
ATOM 269 C C    . PHE A 1 17 ? 0.063   -0.887  -6.943  1.00 0.00 ? 17 PHE A C    1 
ATOM 270 O O    . PHE A 1 17 ? -0.708  -0.843  -7.908  1.00 0.00 ? 17 PHE A O    1 
ATOM 271 C CB   . PHE A 1 17 ? -1.000  0.602   -5.108  1.00 0.00 ? 17 PHE A CB   1 
ATOM 272 C CG   . PHE A 1 17 ? -2.203  0.643   -4.142  1.00 0.00 ? 17 PHE A CG   1 
ATOM 273 C CD1  . PHE A 1 17 ? -3.501  0.500   -4.646  1.00 0.00 ? 17 PHE A CD1  1 
ATOM 274 C CD2  . PHE A 1 17 ? -2.017  0.785   -2.762  1.00 0.00 ? 17 PHE A CD2  1 
ATOM 275 C CE1  . PHE A 1 17 ? -4.594  0.493   -3.783  1.00 0.00 ? 17 PHE A CE1  1 
ATOM 276 C CE2  . PHE A 1 17 ? -3.112  0.778   -1.901  1.00 0.00 ? 17 PHE A CE2  1 
ATOM 277 C CZ   . PHE A 1 17 ? -4.399  0.632   -2.412  1.00 0.00 ? 17 PHE A CZ   1 
ATOM 278 H H    . PHE A 1 17 ? 0.835   -0.876  -3.787  1.00 0.00 ? 17 PHE A H    1 
ATOM 279 H HA   . PHE A 1 17 ? -1.480  -1.433  -5.597  1.00 0.00 ? 17 PHE A HA   1 
ATOM 280 H HB2  . PHE A 1 17 ? -0.143  1.175   -4.701  1.00 0.00 ? 17 PHE A HB2  1 
ATOM 281 H HB3  . PHE A 1 17 ? -1.280  1.175   -6.014  1.00 0.00 ? 17 PHE A HB3  1 
ATOM 282 H HD1  . PHE A 1 17 ? -3.668  0.375   -5.707  1.00 0.00 ? 17 PHE A HD1  1 
ATOM 283 H HD2  . PHE A 1 17 ? -1.029  0.891   -2.345  1.00 0.00 ? 17 PHE A HD2  1 
ATOM 284 H HE1  . PHE A 1 17 ? -5.593  0.372   -4.177  1.00 0.00 ? 17 PHE A HE1  1 
ATOM 285 H HE2  . PHE A 1 17 ? -2.961  0.882   -0.836  1.00 0.00 ? 17 PHE A HE2  1 
ATOM 286 H HZ   . PHE A 1 17 ? -5.247  0.622   -1.743  1.00 0.00 ? 17 PHE A HZ   1 
ATOM 287 N N    . ASP A 1 18 ? 1.395   -1.055  -7.112  1.00 0.00 ? 18 ASP A N    1 
ATOM 288 C CA   . ASP A 1 18 ? 2.002   -1.521  -8.396  1.00 0.00 ? 18 ASP A CA   1 
ATOM 289 C C    . ASP A 1 18 ? 1.498   -2.926  -8.876  1.00 0.00 ? 18 ASP A C    1 
ATOM 290 O O    . ASP A 1 18 ? 1.214   -3.075  -10.067 1.00 0.00 ? 18 ASP A O    1 
ATOM 291 C CB   . ASP A 1 18 ? 3.548   -1.444  -8.271  1.00 0.00 ? 18 ASP A CB   1 
ATOM 292 C CG   . ASP A 1 18 ? 4.337   -1.696  -9.565  1.00 0.00 ? 18 ASP A CG   1 
ATOM 293 O OD1  . ASP A 1 18 ? 4.442   -0.769  -10.398 1.00 0.00 ? 18 ASP A OD1  1 
ATOM 294 O OD2  . ASP A 1 18 ? 4.851   -2.821  -9.750  1.00 0.00 ? 18 ASP A OD2  1 
ATOM 295 H H    . ASP A 1 18 ? 1.930   -1.076  -6.236  1.00 0.00 ? 18 ASP A H    1 
ATOM 296 H HA   . ASP A 1 18 ? 1.711   -0.786  -9.172  1.00 0.00 ? 18 ASP A HA   1 
ATOM 297 H HB2  . ASP A 1 18 ? 3.850   -0.447  -7.896  1.00 0.00 ? 18 ASP A HB2  1 
ATOM 298 H HB3  . ASP A 1 18 ? 3.907   -2.151  -7.501  1.00 0.00 ? 18 ASP A HB3  1 
ATOM 299 N N    . ARG A 1 19 ? 1.355   -3.919  -7.969  1.00 0.00 ? 19 ARG A N    1 
ATOM 300 C CA   . ARG A 1 19 ? 0.691   -5.214  -8.275  1.00 0.00 ? 19 ARG A CA   1 
ATOM 301 C C    . ARG A 1 19 ? -0.846  -5.034  -8.080  1.00 0.00 ? 19 ARG A C    1 
ATOM 302 O O    . ARG A 1 19 ? -1.380  -5.239  -6.983  1.00 0.00 ? 19 ARG A O    1 
ATOM 303 C CB   . ARG A 1 19 ? 1.256   -6.358  -7.380  1.00 0.00 ? 19 ARG A CB   1 
ATOM 304 C CG   . ARG A 1 19 ? 2.700   -6.845  -7.663  1.00 0.00 ? 19 ARG A CG   1 
ATOM 305 C CD   . ARG A 1 19 ? 3.818   -5.948  -7.096  1.00 0.00 ? 19 ARG A CD   1 
ATOM 306 N NE   . ARG A 1 19 ? 5.158   -6.542  -7.315  1.00 0.00 ? 19 ARG A NE   1 
ATOM 307 C CZ   . ARG A 1 19 ? 6.319   -5.936  -6.998  1.00 0.00 ? 19 ARG A CZ   1 
ATOM 308 N NH1  . ARG A 1 19 ? 6.403   -4.721  -6.453  1.00 0.00 ? 19 ARG A NH1  1 
ATOM 309 N NH2  . ARG A 1 19 ? 7.444   -6.583  -7.242  1.00 0.00 ? 19 ARG A NH2  1 
ATOM 310 H H    . ARG A 1 19 ? 1.624   -3.665  -7.012  1.00 0.00 ? 19 ARG A H    1 
ATOM 311 H HA   . ARG A 1 19 ? 0.892   -5.504  -9.327  1.00 0.00 ? 19 ARG A HA   1 
ATOM 312 H HB2  . ARG A 1 19 ? 1.150   -6.102  -6.306  1.00 0.00 ? 19 ARG A HB2  1 
ATOM 313 H HB3  . ARG A 1 19 ? 0.601   -7.240  -7.516  1.00 0.00 ? 19 ARG A HB3  1 
ATOM 314 H HG2  . ARG A 1 19 ? 2.802   -7.855  -7.218  1.00 0.00 ? 19 ARG A HG2  1 
ATOM 315 H HG3  . ARG A 1 19 ? 2.837   -6.993  -8.751  1.00 0.00 ? 19 ARG A HG3  1 
ATOM 316 H HD2  . ARG A 1 19 ? 3.784   -4.949  -7.567  1.00 0.00 ? 19 ARG A HD2  1 
ATOM 317 H HD3  . ARG A 1 19 ? 3.659   -5.791  -6.013  1.00 0.00 ? 19 ARG A HD3  1 
ATOM 318 H HE   . ARG A 1 19 ? 5.267   -7.476  -7.725  1.00 0.00 ? 19 ARG A HE   1 
ATOM 319 H HH11 . ARG A 1 19 ? 5.516   -4.238  -6.271  1.00 0.00 ? 19 ARG A HH11 1 
ATOM 320 H HH12 . ARG A 1 19 ? 7.348   -4.371  -6.258  1.00 0.00 ? 19 ARG A HH12 1 
ATOM 321 H HH21 . ARG A 1 19 ? 7.357   -7.516  -7.661  1.00 0.00 ? 19 ARG A HH21 1 
ATOM 322 H HH22 . ARG A 1 19 ? 8.316   -6.102  -6.992  1.00 0.00 ? 19 ARG A HH22 1 
ATOM 323 N N    . LEU A 1 20 ? -1.545  -4.625  -9.159  1.00 0.00 ? 20 LEU A N    1 
ATOM 324 C CA   . LEU A 1 20 ? -2.998  -4.280  -9.109  1.00 0.00 ? 20 LEU A CA   1 
ATOM 325 C C    . LEU A 1 20 ? -3.988  -5.463  -8.867  1.00 0.00 ? 20 LEU A C    1 
ATOM 326 O O    . LEU A 1 20 ? -4.980  -5.267  -8.161  1.00 0.00 ? 20 LEU A O    1 
ATOM 327 C CB   . LEU A 1 20 ? -3.388  -3.323  -10.273 1.00 0.00 ? 20 LEU A CB   1 
ATOM 328 C CG   . LEU A 1 20 ? -3.257  -3.811  -11.749 1.00 0.00 ? 20 LEU A CG   1 
ATOM 329 C CD1  . LEU A 1 20 ? -4.492  -4.592  -12.242 1.00 0.00 ? 20 LEU A CD1  1 
ATOM 330 C CD2  . LEU A 1 20 ? -3.003  -2.622  -12.700 1.00 0.00 ? 20 LEU A CD2  1 
ATOM 331 H H    . LEU A 1 20 ? -0.985  -4.487  -10.008 1.00 0.00 ? 20 LEU A H    1 
ATOM 332 H HA   . LEU A 1 20 ? -3.115  -3.639  -8.214  1.00 0.00 ? 20 LEU A HA   1 
ATOM 333 H HB2  . LEU A 1 20 ? -4.413  -2.944  -10.101 1.00 0.00 ? 20 LEU A HB2  1 
ATOM 334 H HB3  . LEU A 1 20 ? -2.762  -2.418  -10.142 1.00 0.00 ? 20 LEU A HB3  1 
ATOM 335 H HG   . LEU A 1 20 ? -2.379  -4.477  -11.829 1.00 0.00 ? 20 LEU A HG   1 
ATOM 336 H HD11 . LEU A 1 20 ? -4.690  -5.493  -11.637 1.00 0.00 ? 20 LEU A HD11 1 
ATOM 337 H HD12 . LEU A 1 20 ? -5.411  -3.976  -12.212 1.00 0.00 ? 20 LEU A HD12 1 
ATOM 338 H HD13 . LEU A 1 20 ? -4.368  -4.941  -13.284 1.00 0.00 ? 20 LEU A HD13 1 
ATOM 339 H HD21 . LEU A 1 20 ? -2.084  -2.072  -12.425 1.00 0.00 ? 20 LEU A HD21 1 
ATOM 340 H HD22 . LEU A 1 20 ? -2.872  -2.953  -13.746 1.00 0.00 ? 20 LEU A HD22 1 
ATOM 341 H HD23 . LEU A 1 20 ? -3.836  -1.893  -12.687 1.00 0.00 ? 20 LEU A HD23 1 
ATOM 342 N N    . GLY A 1 21 ? -3.708  -6.682  -9.373  1.00 0.00 ? 21 GLY A N    1 
ATOM 343 C CA   . GLY A 1 21 ? -4.461  -7.904  -8.994  1.00 0.00 ? 21 GLY A CA   1 
ATOM 344 C C    . GLY A 1 21 ? -4.455  -8.284  -7.490  1.00 0.00 ? 21 GLY A C    1 
ATOM 345 O O    . GLY A 1 21 ? -5.528  -8.509  -6.927  1.00 0.00 ? 21 GLY A O    1 
ATOM 346 H H    . GLY A 1 21 ? -2.855  -6.728  -9.941  1.00 0.00 ? 21 GLY A H    1 
ATOM 347 H HA2  . GLY A 1 21 ? -5.507  -7.799  -9.342  1.00 0.00 ? 21 GLY A HA2  1 
ATOM 348 H HA3  . GLY A 1 21 ? -4.055  -8.754  -9.571  1.00 0.00 ? 21 GLY A HA3  1 
ATOM 349 N N    . MET A 1 22 ? -3.265  -8.333  -6.854  1.00 0.00 ? 22 MET A N    1 
ATOM 350 C CA   . MET A 1 22 ? -3.131  -8.652  -5.401  1.00 0.00 ? 22 MET A CA   1 
ATOM 351 C C    . MET A 1 22 ? -3.145  -7.354  -4.526  1.00 0.00 ? 22 MET A C    1 
ATOM 352 O O    . MET A 1 22 ? -2.137  -6.977  -3.919  1.00 0.00 ? 22 MET A O    1 
ATOM 353 C CB   . MET A 1 22 ? -1.846  -9.501  -5.176  1.00 0.00 ? 22 MET A CB   1 
ATOM 354 C CG   . MET A 1 22 ? -1.814  -10.886 -5.845  1.00 0.00 ? 22 MET A CG   1 
ATOM 355 S SD   . MET A 1 22 ? -0.252  -11.692 -5.435  1.00 0.00 ? 22 MET A SD   1 
ATOM 356 C CE   . MET A 1 22 ? -0.295  -13.105 -6.556  1.00 0.00 ? 22 MET A CE   1 
ATOM 357 H H    . MET A 1 22 ? -2.452  -8.103  -7.436  1.00 0.00 ? 22 MET A H    1 
ATOM 358 H HA   . MET A 1 22 ? -3.980  -9.284  -5.071  1.00 0.00 ? 22 MET A HA   1 
ATOM 359 H HB2  . MET A 1 22 ? -0.954  -8.930  -5.498  1.00 0.00 ? 22 MET A HB2  1 
ATOM 360 H HB3  . MET A 1 22 ? -1.706  -9.659  -4.090  1.00 0.00 ? 22 MET A HB3  1 
ATOM 361 H HG2  . MET A 1 22 ? -2.658  -11.512 -5.504  1.00 0.00 ? 22 MET A HG2  1 
ATOM 362 H HG3  . MET A 1 22 ? -1.899  -10.796 -6.944  1.00 0.00 ? 22 MET A HG3  1 
ATOM 363 H HE1  . MET A 1 22 ? -1.184  -13.734 -6.365  1.00 0.00 ? 22 MET A HE1  1 
ATOM 364 H HE2  . MET A 1 22 ? -0.323  -12.771 -7.608  1.00 0.00 ? 22 MET A HE2  1 
ATOM 365 H HE3  . MET A 1 22 ? 0.604   -13.732 -6.420  1.00 0.00 ? 22 MET A HE3  1 
ATOM 366 N N    . ILE A 1 23 ? -4.317  -6.692  -4.455  1.00 0.00 ? 23 ILE A N    1 
ATOM 367 C CA   . ILE A 1 23 ? -4.560  -5.487  -3.604  1.00 0.00 ? 23 ILE A CA   1 
ATOM 368 C C    . ILE A 1 23 ? -6.101  -5.229  -3.532  1.00 0.00 ? 23 ILE A C    1 
ATOM 369 O O    . ILE A 1 23 ? -6.659  -5.286  -2.432  1.00 0.00 ? 23 ILE A O    1 
ATOM 370 C CB   . ILE A 1 23 ? -3.670  -4.220  -3.913  1.00 0.00 ? 23 ILE A CB   1 
ATOM 371 C CG1  . ILE A 1 23 ? -3.762  -3.078  -2.864  1.00 0.00 ? 23 ILE A CG1  1 
ATOM 372 C CG2  . ILE A 1 23 ? -3.868  -3.633  -5.328  1.00 0.00 ? 23 ILE A CG2  1 
ATOM 373 C CD1  . ILE A 1 23 ? -3.332  -3.447  -1.435  1.00 0.00 ? 23 ILE A CD1  1 
ATOM 374 H H    . ILE A 1 23 ? -5.077  -7.122  -4.996  1.00 0.00 ? 23 ILE A H    1 
ATOM 375 H HA   . ILE A 1 23 ? -4.274  -5.809  -2.586  1.00 0.00 ? 23 ILE A HA   1 
ATOM 376 H HB   . ILE A 1 23 ? -2.616  -4.550  -3.887  1.00 0.00 ? 23 ILE A HB   1 
ATOM 377 H HG12 . ILE A 1 23 ? -3.117  -2.238  -3.186  1.00 0.00 ? 23 ILE A HG12 1 
ATOM 378 H HG13 . ILE A 1 23 ? -4.787  -2.662  -2.838  1.00 0.00 ? 23 ILE A HG13 1 
ATOM 379 H HG21 . ILE A 1 23 ? -3.782  -4.420  -6.095  1.00 0.00 ? 23 ILE A HG21 1 
ATOM 380 H HG22 . ILE A 1 23 ? -4.854  -3.151  -5.456  1.00 0.00 ? 23 ILE A HG22 1 
ATOM 381 H HG23 . ILE A 1 23 ? -3.104  -2.875  -5.570  1.00 0.00 ? 23 ILE A HG23 1 
ATOM 382 H HD11 . ILE A 1 23 ? -2.321  -3.890  -1.414  1.00 0.00 ? 23 ILE A HD11 1 
ATOM 383 H HD12 . ILE A 1 23 ? -3.310  -2.553  -0.787  1.00 0.00 ? 23 ILE A HD12 1 
ATOM 384 H HD13 . ILE A 1 23 ? -4.025  -4.170  -0.968  1.00 0.00 ? 23 ILE A HD13 1 
ATOM 385 N N    . TYR A 1 24 ? -6.789  -4.984  -4.674  1.00 0.00 ? 24 TYR A N    1 
ATOM 386 C CA   . TYR A 1 24 ? -8.282  -4.959  -4.738  1.00 0.00 ? 24 TYR A CA   1 
ATOM 387 C C    . TYR A 1 24 ? -9.009  -6.326  -4.520  1.00 0.00 ? 24 TYR A C    1 
ATOM 388 O O    . TYR A 1 24 ? -10.125 -6.316  -3.999  1.00 0.00 ? 24 TYR A O    1 
ATOM 389 C CB   . TYR A 1 24 ? -8.806  -4.180  -5.981  1.00 0.00 ? 24 TYR A CB   1 
ATOM 390 C CG   . TYR A 1 24 ? -8.413  -4.619  -7.413  1.00 0.00 ? 24 TYR A CG   1 
ATOM 391 C CD1  . TYR A 1 24 ? -8.792  -5.867  -7.925  1.00 0.00 ? 24 TYR A CD1  1 
ATOM 392 C CD2  . TYR A 1 24 ? -7.751  -3.715  -8.254  1.00 0.00 ? 24 TYR A CD2  1 
ATOM 393 C CE1  . TYR A 1 24 ? -8.485  -6.217  -9.237  1.00 0.00 ? 24 TYR A CE1  1 
ATOM 394 C CE2  . TYR A 1 24 ? -7.464  -4.056  -9.574  1.00 0.00 ? 24 TYR A CE2  1 
ATOM 395 C CZ   . TYR A 1 24 ? -7.824  -5.311  -10.062 1.00 0.00 ? 24 TYR A CZ   1 
ATOM 396 O OH   . TYR A 1 24 ? -7.540  -5.651  -11.359 1.00 0.00 ? 24 TYR A OH   1 
ATOM 397 H H    . TYR A 1 24 ? -6.215  -4.965  -5.524  1.00 0.00 ? 24 TYR A H    1 
ATOM 398 H HA   . TYR A 1 24 ? -8.607  -4.335  -3.881  1.00 0.00 ? 24 TYR A HA   1 
ATOM 399 H HB2  . TYR A 1 24 ? -9.912  -4.147  -5.933  1.00 0.00 ? 24 TYR A HB2  1 
ATOM 400 H HB3  . TYR A 1 24 ? -8.527  -3.118  -5.835  1.00 0.00 ? 24 TYR A HB3  1 
ATOM 401 H HD1  . TYR A 1 24 ? -9.344  -6.571  -7.321  1.00 0.00 ? 24 TYR A HD1  1 
ATOM 402 H HD2  . TYR A 1 24 ? -7.463  -2.737  -7.894  1.00 0.00 ? 24 TYR A HD2  1 
ATOM 403 H HE1  . TYR A 1 24 ? -8.775  -7.186  -9.616  1.00 0.00 ? 24 TYR A HE1  1 
ATOM 404 H HE2  . TYR A 1 24 ? -6.957  -3.348  -10.214 1.00 0.00 ? 24 TYR A HE2  1 
ATOM 405 H HH   . TYR A 1 24 ? -7.875  -6.533  -11.531 1.00 0.00 ? 24 TYR A HH   1 
ATOM 406 N N    . THR A 1 25 ? -8.398  -7.479  -4.867  1.00 0.00 ? 25 THR A N    1 
ATOM 407 C CA   . THR A 1 25 ? -8.906  -8.830  -4.474  1.00 0.00 ? 25 THR A CA   1 
ATOM 408 C C    . THR A 1 25 ? -8.827  -9.095  -2.929  1.00 0.00 ? 25 THR A C    1 
ATOM 409 O O    . THR A 1 25 ? -9.778  -9.650  -2.370  1.00 0.00 ? 25 THR A O    1 
ATOM 410 C CB   . THR A 1 25 ? -8.188  -9.927  -5.322  1.00 0.00 ? 25 THR A CB   1 
ATOM 411 O OG1  . THR A 1 25 ? -8.323  -9.646  -6.714  1.00 0.00 ? 25 THR A OG1  1 
ATOM 412 C CG2  . THR A 1 25 ? -8.717  -11.358 -5.112  1.00 0.00 ? 25 THR A CG2  1 
ATOM 413 H H    . THR A 1 25 ? -7.469  -7.358  -5.285  1.00 0.00 ? 25 THR A H    1 
ATOM 414 H HA   . THR A 1 25 ? -9.979  -8.869  -4.753  1.00 0.00 ? 25 THR A HA   1 
ATOM 415 H HB   . THR A 1 25 ? -7.109  -9.924  -5.077  1.00 0.00 ? 25 THR A HB   1 
ATOM 416 H HG1  . THR A 1 25 ? -7.835  -10.334 -7.171  1.00 0.00 ? 25 THR A HG1  1 
ATOM 417 H HG21 . THR A 1 25 ? -9.791  -11.440 -5.362  1.00 0.00 ? 25 THR A HG21 1 
ATOM 418 H HG22 . THR A 1 25 ? -8.174  -12.084 -5.745  1.00 0.00 ? 25 THR A HG22 1 
ATOM 419 H HG23 . THR A 1 25 ? -8.594  -11.697 -4.067  1.00 0.00 ? 25 THR A HG23 1 
ATOM 420 N N    . VAL A 1 26 ? -7.733  -8.680  -2.249  1.00 0.00 ? 26 VAL A N    1 
ATOM 421 C CA   . VAL A 1 26 ? -7.596  -8.732  -0.761  1.00 0.00 ? 26 VAL A CA   1 
ATOM 422 C C    . VAL A 1 26 ? -8.675  -7.852  -0.033  1.00 0.00 ? 26 VAL A C    1 
ATOM 423 O O    . VAL A 1 26 ? -9.402  -8.386  0.810   1.00 0.00 ? 26 VAL A O    1 
ATOM 424 C CB   . VAL A 1 26 ? -6.121  -8.403  -0.319  1.00 0.00 ? 26 VAL A CB   1 
ATOM 425 C CG1  . VAL A 1 26 ? -5.901  -8.529  1.210   1.00 0.00 ? 26 VAL A CG1  1 
ATOM 426 C CG2  . VAL A 1 26 ? -5.037  -9.268  -1.013  1.00 0.00 ? 26 VAL A CG2  1 
ATOM 427 H H    . VAL A 1 26 ? -7.015  -8.237  -2.833  1.00 0.00 ? 26 VAL A H    1 
ATOM 428 H HA   . VAL A 1 26 ? -7.786  -9.783  -0.462  1.00 0.00 ? 26 VAL A HA   1 
ATOM 429 H HB   . VAL A 1 26 ? -5.911  -7.350  -0.591  1.00 0.00 ? 26 VAL A HB   1 
ATOM 430 H HG11 . VAL A 1 26 ? -6.566  -7.853  1.778   1.00 0.00 ? 26 VAL A HG11 1 
ATOM 431 H HG12 . VAL A 1 26 ? -6.094  -9.555  1.573   1.00 0.00 ? 26 VAL A HG12 1 
ATOM 432 H HG13 . VAL A 1 26 ? -4.868  -8.263  1.503   1.00 0.00 ? 26 VAL A HG13 1 
ATOM 433 H HG21 . VAL A 1 26 ? -5.173  -10.347 -0.813  1.00 0.00 ? 26 VAL A HG21 1 
ATOM 434 H HG22 . VAL A 1 26 ? -5.044  -9.136  -2.111  1.00 0.00 ? 26 VAL A HG22 1 
ATOM 435 H HG23 . VAL A 1 26 ? -4.016  -8.996  -0.682  1.00 0.00 ? 26 VAL A HG23 1 
ATOM 436 N N    . GLY A 1 27 ? -8.794  -6.550  -0.371  1.00 0.00 ? 27 GLY A N    1 
ATOM 437 C CA   . GLY A 1 27 ? -9.862  -5.659  0.158   1.00 0.00 ? 27 GLY A CA   1 
ATOM 438 C C    . GLY A 1 27 ? -11.336 -6.077  -0.080  1.00 0.00 ? 27 GLY A C    1 
ATOM 439 O O    . GLY A 1 27 ? -12.130 -6.041  0.863   1.00 0.00 ? 27 GLY A O    1 
ATOM 440 H H    . GLY A 1 27 ? -8.134  -6.230  -1.089  1.00 0.00 ? 27 GLY A H    1 
ATOM 441 H HA2  . GLY A 1 27 ? -9.695  -5.517  1.243   1.00 0.00 ? 27 GLY A HA2  1 
ATOM 442 H HA3  . GLY A 1 27 ? -9.714  -4.655  -0.280  1.00 0.00 ? 27 GLY A HA3  1 
ATOM 443 N N    . TYR A 1 28 ? -11.684 -6.495  -1.314  1.00 0.00 ? 28 TYR A N    1 
ATOM 444 C CA   . TYR A 1 28 ? -13.010 -7.096  -1.642  1.00 0.00 ? 28 TYR A CA   1 
ATOM 445 C C    . TYR A 1 28 ? -13.396 -8.386  -0.840  1.00 0.00 ? 28 TYR A C    1 
ATOM 446 O O    . TYR A 1 28 ? -14.563 -8.515  -0.457  1.00 0.00 ? 28 TYR A O    1 
ATOM 447 C CB   . TYR A 1 28 ? -13.072 -7.313  -3.183  1.00 0.00 ? 28 TYR A CB   1 
ATOM 448 C CG   . TYR A 1 28 ? -14.451 -7.698  -3.754  1.00 0.00 ? 28 TYR A CG   1 
ATOM 449 C CD1  . TYR A 1 28 ? -15.438 -6.723  -3.935  1.00 0.00 ? 28 TYR A CD1  1 
ATOM 450 C CD2  . TYR A 1 28 ? -14.733 -9.030  -4.081  1.00 0.00 ? 28 TYR A CD2  1 
ATOM 451 C CE1  . TYR A 1 28 ? -16.690 -7.077  -4.433  1.00 0.00 ? 28 TYR A CE1  1 
ATOM 452 C CE2  . TYR A 1 28 ? -15.986 -9.381  -4.578  1.00 0.00 ? 28 TYR A CE2  1 
ATOM 453 C CZ   . TYR A 1 28 ? -16.964 -8.405  -4.754  1.00 0.00 ? 28 TYR A CZ   1 
ATOM 454 O OH   . TYR A 1 28 ? -18.198 -8.752  -5.240  1.00 0.00 ? 28 TYR A OH   1 
ATOM 455 H H    . TYR A 1 28 ? -10.921 -6.471  -2.000  1.00 0.00 ? 28 TYR A H    1 
ATOM 456 H HA   . TYR A 1 28 ? -13.768 -6.327  -1.397  1.00 0.00 ? 28 TYR A HA   1 
ATOM 457 H HB2  . TYR A 1 28 ? -12.749 -6.388  -3.701  1.00 0.00 ? 28 TYR A HB2  1 
ATOM 458 H HB3  . TYR A 1 28 ? -12.313 -8.065  -3.481  1.00 0.00 ? 28 TYR A HB3  1 
ATOM 459 H HD1  . TYR A 1 28 ? -15.242 -5.690  -3.686  1.00 0.00 ? 28 TYR A HD1  1 
ATOM 460 H HD2  . TYR A 1 28 ? -13.985 -9.800  -3.943  1.00 0.00 ? 28 TYR A HD2  1 
ATOM 461 H HE1  . TYR A 1 28 ? -17.447 -6.318  -4.566  1.00 0.00 ? 28 TYR A HE1  1 
ATOM 462 H HE2  . TYR A 1 28 ? -16.195 -10.412 -4.825  1.00 0.00 ? 28 TYR A HE2  1 
ATOM 463 H HH   . TYR A 1 28 ? -18.217 -9.698  -5.399  1.00 0.00 ? 28 TYR A HH   1 
ATOM 464 N N    . SER A 1 29 ? -12.444 -9.305  -0.570  1.00 0.00 ? 29 SER A N    1 
ATOM 465 C CA   . SER A 1 29 ? -12.661 -10.472 0.331   1.00 0.00 ? 29 SER A CA   1 
ATOM 466 C C    . SER A 1 29 ? -13.076 -10.112 1.796   1.00 0.00 ? 29 SER A C    1 
ATOM 467 O O    . SER A 1 29 ? -14.033 -10.707 2.299   1.00 0.00 ? 29 SER A O    1 
ATOM 468 C CB   . SER A 1 29 ? -11.407 -11.374 0.283   1.00 0.00 ? 29 SER A CB   1 
ATOM 469 O OG   . SER A 1 29 ? -11.627 -12.599 0.973   1.00 0.00 ? 29 SER A OG   1 
ATOM 470 H H    . SER A 1 29 ? -11.514 -9.082  -0.943  1.00 0.00 ? 29 SER A H    1 
ATOM 471 H HA   . SER A 1 29 ? -13.487 -11.064 -0.109  1.00 0.00 ? 29 SER A HA   1 
ATOM 472 H HB2  . SER A 1 29 ? -11.129 -11.611 -0.762  1.00 0.00 ? 29 SER A HB2  1 
ATOM 473 H HB3  . SER A 1 29 ? -10.528 -10.863 0.720   1.00 0.00 ? 29 SER A HB3  1 
ATOM 474 H HG   . SER A 1 29 ? -12.371 -13.018 0.533   1.00 0.00 ? 29 SER A HG   1 
ATOM 475 N N    . VAL A 1 30 ? -12.397 -9.143  2.453   1.00 0.00 ? 30 VAL A N    1 
ATOM 476 C CA   . VAL A 1 30 ? -12.803 -8.624  3.793   1.00 0.00 ? 30 VAL A CA   1 
ATOM 477 C C    . VAL A 1 30 ? -13.813 -7.443  3.617   1.00 0.00 ? 30 VAL A C    1 
ATOM 478 O O    . VAL A 1 30 ? -13.424 -6.276  3.516   1.00 0.00 ? 30 VAL A O    1 
ATOM 479 C CB   . VAL A 1 30 ? -11.572 -8.294  4.711   1.00 0.00 ? 30 VAL A CB   1 
ATOM 480 C CG1  . VAL A 1 30 ? -10.853 -9.572  5.201   1.00 0.00 ? 30 VAL A CG1  1 
ATOM 481 C CG2  . VAL A 1 30 ? -10.521 -7.310  4.139   1.00 0.00 ? 30 VAL A CG2  1 
ATOM 482 H H    . VAL A 1 30 ? -11.627 -8.723  1.921   1.00 0.00 ? 30 VAL A H    1 
ATOM 483 H HA   . VAL A 1 30 ? -13.344 -9.430  4.334   1.00 0.00 ? 30 VAL A HA   1 
ATOM 484 H HB   . VAL A 1 30 ? -11.978 -7.815  5.624   1.00 0.00 ? 30 VAL A HB   1 
ATOM 485 H HG11 . VAL A 1 30 ? -11.553 -10.269 5.699   1.00 0.00 ? 30 VAL A HG11 1 
ATOM 486 H HG12 . VAL A 1 30 ? -10.376 -10.127 4.370   1.00 0.00 ? 30 VAL A HG12 1 
ATOM 487 H HG13 . VAL A 1 30 ? -10.061 -9.340  5.938   1.00 0.00 ? 30 VAL A HG13 1 
ATOM 488 H HG21 . VAL A 1 30 ? -10.963 -6.342  3.845   1.00 0.00 ? 30 VAL A HG21 1 
ATOM 489 H HG22 . VAL A 1 30 ? -9.733  -7.077  4.879   1.00 0.00 ? 30 VAL A HG22 1 
ATOM 490 H HG23 . VAL A 1 30 ? -10.014 -7.716  3.245   1.00 0.00 ? 30 VAL A HG23 1 
ATOM 491 N N    . CYS A 1 31 ? -15.120 -7.773  3.570   1.00 0.00 ? 31 CYS A N    1 
ATOM 492 C CA   . CYS A 1 31 ? -16.212 -6.777  3.428   1.00 0.00 ? 31 CYS A CA   1 
ATOM 493 C C    . CYS A 1 31 ? -17.401 -7.240  4.292   1.00 0.00 ? 31 CYS A C    1 
ATOM 494 O O    . CYS A 1 31 ? -17.687 -6.580  5.317   1.00 0.00 ? 31 CYS A O    1 
ATOM 495 C CB   . CYS A 1 31 ? -16.623 -6.578  1.951   1.00 0.00 ? 31 CYS A CB   1 
ATOM 496 S SG   . CYS A 1 31 ? -15.303 -5.773  1.025   1.00 0.00 ? 31 CYS A SG   1 
ATOM 497 O OXT  . CYS A 1 31 ? -18.055 -8.257  3.962   1.00 0.00 ? 31 CYS A OXT  1 
ATOM 498 H H    . CYS A 1 31 ? -15.314 -8.777  3.659   1.00 0.00 ? 31 CYS A H    1 
ATOM 499 H HA   . CYS A 1 31 ? -15.885 -5.793  3.817   1.00 0.00 ? 31 CYS A HA   1 
ATOM 500 H HB2  . CYS A 1 31 ? -16.881 -7.537  1.463   1.00 0.00 ? 31 CYS A HB2  1 
ATOM 501 H HB3  . CYS A 1 31 ? -17.525 -5.939  1.880   1.00 0.00 ? 31 CYS A HB3  1 
# 
